data_8TEA
#
_entry.id   8TEA
#
_cell.length_a   1.00
_cell.length_b   1.00
_cell.length_c   1.00
_cell.angle_alpha   90.00
_cell.angle_beta   90.00
_cell.angle_gamma   90.00
#
_symmetry.space_group_name_H-M   'P 1'
#
loop_
_entity.id
_entity.type
_entity.pdbx_description
1 polymer 'Envelope protein UL128'
2 polymer 'Envelope glycoprotein UL130'
3 polymer UL131A
4 polymer 'CS2pt1p2_A10L Fab light chain'
5 polymer 'CS2pt1p2_A10L Fab heavy chain'
6 polymer 'CS3pt1p4_C1L Fab heavy chain'
7 polymer 'CS3pt1p4_C1L Fab light chain'
#
loop_
_entity_poly.entity_id
_entity_poly.type
_entity_poly.pdbx_seq_one_letter_code
_entity_poly.pdbx_strand_id
1 'polypeptide(L)'
;MEWSWVFLFFLSVTTGVHSEECCEFINVNHPPERCYDFKMCNRFTVALRCPDGEVCYSPEKTAEIRGIVTTMTHSLTRQV
VHNKLTSCNYNPLYLEADGRIRCGKVNDKAQYLLGAAGSVPYRWINLEYDKITRIVGLDQYLESVKKHKRLDVCRAKMGY
MLQ
;
C
2 'polypeptide(L)'
;MEWSWVFLFFLSVTTGVHSSPWSTLTANQNPSPPWSKLTYSKPHDAATFYCPFLYPSPPRSPLQFSGFQQVSTGPECRNE
TLYLLYNREGQTLVERSSTWVKKVIWYLSGRNQTILQRMPQTASKPSDGNVQISVEDAKIFGAHMVPKQTKLLRFVVNDG
TRYQMCVMKLESWAHVFRDYSVSFQVRLTFTEANNQTYTFCTHPNLIV
;
D
3 'polypeptide(L)'
;MEWSWVFLFFLSVTTGVHSQCQRETAEKNDYYRVPHYWDACSRALPDQTRYKYVEQLVDLTLNYHYDASHGLDNFDVLKR
INVTEVSLLISDFRRQNRRGGTNKRTTFNAAGSLAPHARSLEFSVRLFAN
;
E
4 'polypeptide(L)'
;QSALTQPPSASGTPGQRVTISCSGSSSNIGSNTVHWYQQLPGTAPKLLIYSNNQRPSGVPDRFSGSRSGTSASLAISGLR
SEDEADYYCAAWDDSLNGRVFGTGTKVTVLGQPKANPTVTLFPPSSEELQANKATLVCLISDFYPGAVTVAWKADSSPVK
AGVETTTPSKQSNNKYAASSYLSLTPEQWKSHRSYSCQVTHEGSTVEKTVAPTECS
;
G
5 'polypeptide(L)'
;MEFGLSWVFLVALIKGVQCQVHLEESGGGLVKPGGSLRLSCVASGFSFSDYYMSWIRQAPGKGLEWLSYISPSGSPTSNA
DSMKGRFTISRDNARSSLYLQVHSLRVEDTAVYYCARDNTVFGVVTTPMDHWGQGTLVTVSSASTKGPSVFPLAPSSKST
SGGTAALGCLVKDYFPEPVTVSWNSGALTSGVHTFPAVLQSSGLYSLSSVVTVPSSSLGTQTYICNVNHKPSNTKVDKRV
EPK
;
H
6 'polypeptide(L)'
;QVQLVQSGAEVKKPGSSVKVSCKASGGTFTDYALSWVRQAPGQGLEWMGGIIPVLGTPHYAQKFEDRVTIIADESTGTVF
MALSSLRSDDTGMYYCARGVTHPYYYYAMDVWGQGTTITVSSASTKGPSVFPLAPSSKSTSGGTAALGCLVKDYFPEPVT
VSWNSGALTSGVHTFPAVLQSSGLYSLSSVVTVPSSSLGTQTYICNVNHKPSNTKVDKRVEPK
;
F
7 'polypeptide(L)'
;QSALTQPASVSGSPGQSISISCTGTSSDVGAYDYVSWYQQHPGKAPRLIIYDVNKRPSGVPYRFSGSKSGTAASLTISGL
QSEDEAVYYCGSYTSSSAFFYVFGTGTMVTVLRQPKANPTVTLFPPSSEELQANKATLVCLISDFYPGAVTVAWKADSSP
VKAGVETTTPSKQSNNKYAASSYLSLTPEQWKSHRSYSCQVTHEGSTVEKTVAPTECS
;
I
#
# COMPACT_ATOMS: atom_id res chain seq x y z
N CYS A 22 15.67 5.22 -10.56
CA CYS A 22 15.59 4.07 -9.68
C CYS A 22 16.70 4.11 -8.65
N CYS A 23 16.82 3.04 -7.86
CA CYS A 23 17.89 2.95 -6.89
C CYS A 23 19.24 2.71 -7.56
N GLU A 24 20.30 3.03 -6.83
CA GLU A 24 21.63 2.56 -7.15
C GLU A 24 22.07 1.39 -6.27
N PHE A 25 21.39 1.18 -5.14
CA PHE A 25 21.61 0.04 -4.26
C PHE A 25 20.41 -0.87 -4.42
N ILE A 26 20.61 -2.04 -5.03
CA ILE A 26 19.50 -2.85 -5.52
C ILE A 26 19.13 -4.01 -4.60
N ASN A 27 20.09 -4.70 -3.98
CA ASN A 27 19.69 -5.83 -3.16
C ASN A 27 20.35 -5.84 -1.78
N VAL A 28 20.71 -4.68 -1.24
CA VAL A 28 21.55 -4.64 -0.05
C VAL A 28 20.80 -4.48 1.25
N ASN A 29 19.49 -4.25 1.21
CA ASN A 29 18.75 -3.88 2.42
C ASN A 29 18.06 -5.08 3.05
N HIS A 30 18.05 -5.09 4.38
CA HIS A 30 17.27 -6.04 5.15
C HIS A 30 15.78 -5.82 4.91
N PRO A 31 14.94 -6.84 5.13
CA PRO A 31 13.50 -6.73 4.85
C PRO A 31 12.84 -5.62 5.66
N PRO A 32 12.11 -4.72 5.01
CA PRO A 32 11.45 -3.61 5.70
C PRO A 32 10.17 -4.08 6.38
N GLU A 33 9.52 -3.14 7.09
CA GLU A 33 8.41 -3.50 7.98
C GLU A 33 7.09 -2.85 7.62
N ARG A 34 7.05 -1.54 7.40
CA ARG A 34 5.77 -0.83 7.34
C ARG A 34 5.60 -0.05 6.04
N CYS A 35 5.82 -0.71 4.91
CA CYS A 35 5.92 -0.04 3.63
C CYS A 35 4.56 0.48 3.19
N TYR A 36 4.58 1.50 2.31
CA TYR A 36 3.34 2.10 1.85
C TYR A 36 3.24 2.33 0.35
N ASP A 37 4.33 2.18 -0.42
CA ASP A 37 4.18 2.28 -1.87
C ASP A 37 5.13 1.32 -2.57
N PHE A 38 4.82 1.04 -3.84
CA PHE A 38 5.69 0.25 -4.70
C PHE A 38 5.79 0.92 -6.06
N LYS A 39 6.94 0.77 -6.70
CA LYS A 39 7.16 1.43 -7.98
C LYS A 39 8.05 0.56 -8.85
N MET A 40 7.75 0.51 -10.14
CA MET A 40 8.55 -0.21 -11.12
C MET A 40 9.45 0.78 -11.86
N CYS A 41 10.76 0.60 -11.69
CA CYS A 41 11.74 1.47 -12.35
C CYS A 41 12.33 0.83 -13.60
N ASN A 42 12.74 -0.43 -13.51
CA ASN A 42 13.11 -1.23 -14.67
C ASN A 42 12.28 -2.51 -14.64
N ARG A 43 12.47 -3.37 -15.65
CA ARG A 43 11.68 -4.58 -15.76
C ARG A 43 12.01 -5.62 -14.70
N PHE A 44 13.08 -5.44 -13.92
CA PHE A 44 13.49 -6.42 -12.94
C PHE A 44 13.47 -5.92 -11.51
N THR A 45 13.58 -4.61 -11.27
CA THR A 45 13.73 -4.07 -9.93
C THR A 45 12.43 -3.40 -9.49
N VAL A 46 11.95 -3.78 -8.32
CA VAL A 46 10.84 -3.12 -7.65
C VAL A 46 11.42 -2.21 -6.57
N ALA A 47 10.76 -1.09 -6.32
CA ALA A 47 11.18 -0.10 -5.33
C ALA A 47 10.05 0.08 -4.34
N LEU A 48 10.26 -0.41 -3.11
CA LEU A 48 9.27 -0.29 -2.06
C LEU A 48 9.56 0.99 -1.27
N ARG A 49 8.63 1.94 -1.33
CA ARG A 49 8.68 3.15 -0.52
C ARG A 49 8.14 2.82 0.86
N CYS A 50 9.04 2.84 1.85
CA CYS A 50 8.86 2.41 3.21
C CYS A 50 9.36 3.54 4.10
N PRO A 51 9.05 3.54 5.41
CA PRO A 51 9.49 4.66 6.26
C PRO A 51 11.01 4.79 6.40
N ASP A 52 11.78 3.76 6.08
CA ASP A 52 13.23 3.87 6.05
C ASP A 52 13.77 4.41 4.73
N GLY A 53 12.89 4.69 3.76
CA GLY A 53 13.31 5.21 2.47
C GLY A 53 12.80 4.34 1.33
N GLU A 54 13.53 4.38 0.22
CA GLU A 54 13.21 3.56 -0.95
C GLU A 54 14.10 2.32 -0.91
N VAL A 55 13.53 1.21 -0.45
CA VAL A 55 14.25 -0.06 -0.42
C VAL A 55 13.95 -0.79 -1.73
N CYS A 56 14.99 -1.03 -2.53
CA CYS A 56 14.82 -1.71 -3.79
C CYS A 56 15.11 -3.20 -3.65
N TYR A 57 14.55 -3.98 -4.56
CA TYR A 57 14.78 -5.42 -4.63
C TYR A 57 14.66 -5.86 -6.08
N SER A 58 15.38 -6.92 -6.42
CA SER A 58 15.23 -7.55 -7.72
C SER A 58 15.62 -9.02 -7.58
N PRO A 59 14.71 -9.93 -7.90
CA PRO A 59 14.99 -11.36 -7.70
C PRO A 59 15.83 -11.92 -8.84
N GLU A 60 16.15 -13.20 -8.74
CA GLU A 60 16.79 -13.90 -9.84
C GLU A 60 15.85 -13.97 -11.04
N LYS A 61 14.57 -14.23 -10.78
CA LYS A 61 13.59 -14.40 -11.84
C LYS A 61 12.52 -13.33 -11.75
N THR A 62 11.97 -12.97 -12.90
CA THR A 62 10.67 -12.34 -12.94
C THR A 62 9.61 -13.41 -12.70
N ALA A 63 8.34 -12.97 -12.66
CA ALA A 63 7.21 -13.77 -12.15
C ALA A 63 7.45 -14.23 -10.70
N GLU A 64 8.24 -13.45 -9.96
CA GLU A 64 8.32 -13.57 -8.51
C GLU A 64 8.39 -12.20 -7.85
N ILE A 65 8.20 -11.12 -8.62
CA ILE A 65 8.08 -9.79 -8.05
C ILE A 65 6.81 -9.69 -7.21
N ARG A 66 5.77 -10.41 -7.61
CA ARG A 66 4.50 -10.45 -6.88
C ARG A 66 4.67 -10.99 -5.47
N GLY A 67 5.61 -11.91 -5.25
CA GLY A 67 5.87 -12.41 -3.91
C GLY A 67 6.42 -11.38 -2.95
N ILE A 68 7.01 -10.31 -3.48
CA ILE A 68 7.50 -9.20 -2.67
C ILE A 68 6.43 -8.13 -2.51
N VAL A 69 5.75 -7.78 -3.61
CA VAL A 69 4.78 -6.69 -3.62
C VAL A 69 3.53 -7.07 -2.82
N THR A 70 3.10 -8.33 -2.91
CA THR A 70 1.86 -8.77 -2.27
C THR A 70 1.92 -8.68 -0.75
N THR A 71 3.11 -8.67 -0.16
CA THR A 71 3.25 -8.57 1.28
C THR A 71 2.90 -7.19 1.83
N MET A 72 2.69 -6.20 0.97
CA MET A 72 2.38 -4.83 1.43
C MET A 72 1.19 -4.24 0.70
N THR A 73 0.36 -5.07 0.06
CA THR A 73 -0.77 -4.56 -0.72
C THR A 73 -1.84 -3.95 0.18
N HIS A 74 -1.97 -4.46 1.42
CA HIS A 74 -3.00 -3.97 2.32
C HIS A 74 -2.75 -2.55 2.83
N SER A 75 -1.56 -2.00 2.61
CA SER A 75 -1.25 -0.64 3.02
C SER A 75 -1.51 0.39 1.94
N LEU A 76 -1.95 -0.03 0.76
CA LEU A 76 -2.20 0.89 -0.33
C LEU A 76 -3.54 1.60 -0.17
N THR A 77 -3.54 2.90 -0.41
CA THR A 77 -4.77 3.70 -0.39
C THR A 77 -5.34 3.81 -1.79
N ARG A 78 -6.57 4.30 -1.87
CA ARG A 78 -7.30 4.28 -3.14
C ARG A 78 -6.78 5.31 -4.12
N GLN A 79 -6.20 6.41 -3.63
CA GLN A 79 -5.64 7.41 -4.54
C GLN A 79 -4.35 6.93 -5.18
N VAL A 80 -3.50 6.25 -4.41
CA VAL A 80 -2.27 5.68 -4.96
C VAL A 80 -2.60 4.60 -5.99
N VAL A 81 -3.59 3.76 -5.68
CA VAL A 81 -4.07 2.75 -6.61
C VAL A 81 -4.63 3.41 -7.88
N HIS A 82 -5.40 4.49 -7.72
CA HIS A 82 -6.01 5.13 -8.87
C HIS A 82 -4.98 5.80 -9.75
N ASN A 83 -3.92 6.35 -9.17
CA ASN A 83 -2.87 6.97 -9.96
C ASN A 83 -1.81 5.98 -10.43
N LYS A 84 -1.88 4.72 -9.99
CA LYS A 84 -1.07 3.68 -10.62
C LYS A 84 -1.62 3.33 -12.01
N LEU A 85 -2.93 3.52 -12.22
CA LEU A 85 -3.53 3.35 -13.54
C LEU A 85 -4.74 4.27 -13.59
N THR A 86 -4.56 5.44 -14.21
CA THR A 86 -5.57 6.49 -14.14
C THR A 86 -6.79 6.18 -15.01
N SER A 87 -6.58 5.58 -16.18
CA SER A 87 -7.65 5.39 -17.15
C SER A 87 -8.54 4.20 -16.84
N CYS A 88 -8.47 3.62 -15.63
CA CYS A 88 -9.20 2.40 -15.35
C CYS A 88 -10.41 2.68 -14.47
N ASN A 89 -10.57 3.92 -14.00
CA ASN A 89 -11.79 4.46 -13.40
C ASN A 89 -12.15 3.79 -12.07
N TYR A 90 -11.17 3.77 -11.16
CA TYR A 90 -11.31 3.33 -9.76
C TYR A 90 -11.77 1.89 -9.64
N ASN A 91 -11.58 1.09 -10.64
CA ASN A 91 -11.81 -0.34 -10.60
C ASN A 91 -10.58 -1.03 -10.03
N PRO A 92 -10.74 -2.18 -9.37
CA PRO A 92 -9.58 -2.84 -8.76
C PRO A 92 -8.58 -3.31 -9.79
N LEU A 93 -7.31 -3.21 -9.43
CA LEU A 93 -6.22 -3.52 -10.33
C LEU A 93 -5.69 -4.92 -10.05
N TYR A 94 -5.27 -5.60 -11.11
CA TYR A 94 -4.63 -6.91 -11.01
C TYR A 94 -3.13 -6.74 -11.22
N LEU A 95 -2.37 -7.32 -10.30
CA LEU A 95 -0.91 -7.36 -10.36
C LEU A 95 -0.49 -8.53 -11.24
N GLU A 96 0.16 -8.24 -12.36
CA GLU A 96 0.67 -9.30 -13.21
C GLU A 96 1.93 -9.90 -12.59
N ALA A 97 2.33 -11.06 -13.14
CA ALA A 97 3.46 -11.81 -12.58
C ALA A 97 4.76 -11.03 -12.69
N ASP A 98 4.98 -10.36 -13.82
CA ASP A 98 6.18 -9.56 -14.02
C ASP A 98 6.05 -8.14 -13.47
N GLY A 99 5.15 -7.92 -12.52
CA GLY A 99 5.02 -6.67 -11.82
C GLY A 99 4.14 -5.64 -12.48
N ARG A 100 3.64 -5.91 -13.68
CA ARG A 100 2.82 -4.94 -14.37
C ARG A 100 1.42 -4.87 -13.76
N ILE A 101 0.75 -3.74 -13.99
CA ILE A 101 -0.60 -3.51 -13.54
C ILE A 101 -1.53 -3.61 -14.76
N ARG A 102 -2.59 -4.41 -14.65
CA ARG A 102 -3.67 -4.32 -15.61
C ARG A 102 -4.98 -4.13 -14.86
N CYS A 103 -6.02 -3.74 -15.59
CA CYS A 103 -7.33 -3.61 -14.97
C CYS A 103 -7.84 -4.98 -14.59
N GLY A 104 -8.44 -5.08 -13.41
CA GLY A 104 -8.89 -6.36 -12.93
C GLY A 104 -10.13 -6.84 -13.65
N LYS A 105 -10.40 -8.13 -13.47
CA LYS A 105 -11.64 -8.75 -13.89
C LYS A 105 -12.23 -9.49 -12.70
N VAL A 106 -13.56 -9.69 -12.74
CA VAL A 106 -14.27 -10.19 -11.57
C VAL A 106 -13.93 -11.64 -11.25
N ASN A 107 -13.39 -12.39 -12.20
CA ASN A 107 -12.98 -13.77 -11.96
C ASN A 107 -11.50 -13.90 -11.64
N ASP A 108 -10.77 -12.79 -11.53
CA ASP A 108 -9.38 -12.85 -11.11
C ASP A 108 -9.31 -13.16 -9.61
N LYS A 109 -8.13 -13.60 -9.18
CA LYS A 109 -7.94 -13.96 -7.78
C LYS A 109 -7.97 -12.73 -6.89
N ALA A 110 -8.62 -12.87 -5.73
CA ALA A 110 -8.77 -11.74 -4.82
C ALA A 110 -7.49 -11.41 -4.08
N GLN A 111 -6.57 -12.36 -3.92
CA GLN A 111 -5.31 -12.09 -3.26
C GLN A 111 -4.38 -11.24 -4.11
N TYR A 112 -4.53 -11.29 -5.43
CA TYR A 112 -3.72 -10.51 -6.37
C TYR A 112 -4.45 -9.30 -6.90
N LEU A 113 -5.53 -8.89 -6.24
CA LEU A 113 -6.30 -7.72 -6.65
C LEU A 113 -6.01 -6.57 -5.70
N LEU A 114 -5.89 -5.37 -6.27
CA LEU A 114 -5.51 -4.17 -5.53
C LEU A 114 -6.74 -3.31 -5.30
N GLY A 115 -7.07 -3.06 -4.03
CA GLY A 115 -8.13 -2.15 -3.66
C GLY A 115 -9.48 -2.80 -3.44
N ALA A 116 -9.71 -4.00 -3.98
CA ALA A 116 -10.94 -4.71 -3.69
C ALA A 116 -10.91 -5.24 -2.26
N ALA A 117 -12.10 -5.42 -1.69
CA ALA A 117 -12.23 -5.84 -0.30
C ALA A 117 -13.26 -6.95 -0.17
N GLY A 118 -13.14 -7.69 0.93
CA GLY A 118 -14.11 -8.72 1.24
C GLY A 118 -15.16 -8.22 2.21
N SER A 119 -14.73 -7.47 3.21
CA SER A 119 -15.62 -6.84 4.18
C SER A 119 -15.21 -5.39 4.38
N VAL A 120 -16.18 -4.49 4.30
CA VAL A 120 -15.91 -3.06 4.45
C VAL A 120 -15.65 -2.78 5.93
N PRO A 121 -14.47 -2.24 6.28
CA PRO A 121 -14.14 -2.00 7.71
C PRO A 121 -14.70 -0.70 8.24
N TYR A 122 -16.03 -0.68 8.43
CA TYR A 122 -16.72 0.49 8.95
C TYR A 122 -16.76 0.46 10.48
N ARG A 123 -17.11 1.61 11.06
CA ARG A 123 -17.37 1.70 12.48
C ARG A 123 -18.23 2.93 12.75
N TRP A 124 -19.19 2.81 13.66
CA TRP A 124 -20.08 3.90 14.02
C TRP A 124 -19.49 4.73 15.16
N ILE A 125 -19.68 6.04 15.08
CA ILE A 125 -19.17 6.97 16.09
C ILE A 125 -20.03 6.90 17.35
N ILE B 105 -47.76 3.02 29.33
CA ILE B 105 -47.25 2.06 28.36
C ILE B 105 -47.62 2.46 26.94
N TRP B 106 -47.56 3.77 26.68
CA TRP B 106 -47.84 4.27 25.34
C TRP B 106 -46.81 3.79 24.33
N TYR B 107 -45.55 3.73 24.75
CA TYR B 107 -44.49 3.20 23.88
C TYR B 107 -44.66 1.71 23.63
N LEU B 108 -45.14 0.97 24.63
CA LEU B 108 -45.36 -0.46 24.51
C LEU B 108 -46.76 -0.80 24.03
N SER B 109 -47.59 0.20 23.70
CA SER B 109 -48.97 -0.08 23.30
C SER B 109 -49.05 -0.70 21.92
N GLY B 110 -48.30 -0.16 20.96
CA GLY B 110 -48.30 -0.70 19.61
C GLY B 110 -46.97 -1.29 19.19
N ARG B 111 -46.24 -1.83 20.17
CA ARG B 111 -44.91 -2.37 19.89
C ARG B 111 -44.98 -3.64 19.05
N ASN B 112 -45.96 -4.50 19.32
CA ASN B 112 -46.01 -5.80 18.67
C ASN B 112 -47.30 -6.02 17.88
N GLN B 113 -47.71 -5.01 17.10
CA GLN B 113 -48.86 -5.18 16.24
C GLN B 113 -48.49 -6.06 15.04
N THR B 114 -49.53 -6.59 14.38
CA THR B 114 -49.32 -7.63 13.38
C THR B 114 -48.69 -7.10 12.09
N ILE B 115 -48.82 -5.80 11.81
CA ILE B 115 -48.21 -5.25 10.60
C ILE B 115 -46.69 -5.21 10.73
N LEU B 116 -46.19 -4.77 11.89
CA LEU B 116 -44.74 -4.68 12.07
C LEU B 116 -44.10 -6.05 12.21
N GLN B 117 -44.88 -7.09 12.52
CA GLN B 117 -44.38 -8.45 12.55
C GLN B 117 -44.56 -9.17 11.22
N ARG B 118 -45.46 -8.69 10.37
CA ARG B 118 -45.76 -9.32 9.09
C ARG B 118 -44.93 -8.76 7.93
N MET B 119 -44.60 -7.46 7.98
CA MET B 119 -43.80 -6.87 6.91
C MET B 119 -42.38 -7.45 6.73
N PRO B 120 -41.59 -7.74 7.79
CA PRO B 120 -40.30 -8.40 7.53
C PRO B 120 -40.43 -9.77 6.86
N GLN B 121 -41.48 -10.52 7.18
CA GLN B 121 -41.71 -11.79 6.50
C GLN B 121 -42.25 -11.59 5.09
N THR B 122 -42.97 -10.48 4.85
CA THR B 122 -43.47 -10.19 3.51
C THR B 122 -42.35 -9.80 2.58
N ALA B 123 -41.41 -8.98 3.06
CA ALA B 123 -40.30 -8.55 2.22
C ALA B 123 -39.30 -9.67 1.93
N SER B 124 -39.31 -10.73 2.74
CA SER B 124 -38.36 -11.83 2.59
C SER B 124 -38.95 -13.01 1.83
N LYS B 125 -40.13 -12.86 1.23
CA LYS B 125 -40.76 -13.92 0.47
C LYS B 125 -41.19 -13.41 -0.89
N PRO B 126 -41.19 -14.27 -1.91
CA PRO B 126 -41.67 -13.82 -3.23
C PRO B 126 -43.17 -13.62 -3.32
N SER B 127 -43.93 -14.16 -2.37
CA SER B 127 -45.39 -13.99 -2.37
C SER B 127 -45.89 -14.11 -0.95
N ASP B 128 -46.90 -13.29 -0.61
CA ASP B 128 -47.49 -13.31 0.72
C ASP B 128 -49.01 -13.21 0.65
N GLY B 129 -49.61 -13.74 -0.41
CA GLY B 129 -51.05 -13.68 -0.56
C GLY B 129 -51.53 -12.31 -1.00
N ASN B 130 -52.85 -12.14 -0.94
CA ASN B 130 -53.48 -10.90 -1.33
C ASN B 130 -54.02 -10.08 -0.15
N VAL B 131 -54.30 -10.72 0.98
CA VAL B 131 -54.73 -10.03 2.18
C VAL B 131 -53.91 -10.58 3.36
N GLN B 132 -53.40 -9.67 4.19
CA GLN B 132 -52.57 -10.07 5.32
C GLN B 132 -53.04 -9.41 6.62
N ILE B 133 -53.59 -8.19 6.51
CA ILE B 133 -53.94 -7.41 7.70
C ILE B 133 -55.43 -7.09 7.71
N SER B 134 -55.87 -6.36 8.73
CA SER B 134 -57.26 -5.93 8.87
C SER B 134 -57.33 -4.41 8.86
N VAL B 135 -58.52 -3.87 9.14
CA VAL B 135 -58.71 -2.43 9.09
C VAL B 135 -58.36 -1.75 10.40
N GLU B 136 -58.60 -2.42 11.54
CA GLU B 136 -58.26 -1.83 12.84
C GLU B 136 -56.74 -1.75 13.01
N ASP B 137 -56.01 -2.76 12.56
CA ASP B 137 -54.56 -2.72 12.62
C ASP B 137 -54.00 -1.67 11.66
N ALA B 138 -54.66 -1.47 10.52
CA ALA B 138 -54.27 -0.40 9.60
C ALA B 138 -54.49 0.97 10.24
N LYS B 139 -55.60 1.14 10.98
CA LYS B 139 -55.83 2.38 11.70
C LYS B 139 -54.80 2.60 12.80
N ILE B 140 -54.40 1.53 13.49
CA ILE B 140 -53.36 1.62 14.51
C ILE B 140 -52.02 2.03 13.87
N PHE B 141 -51.70 1.45 12.71
CA PHE B 141 -50.48 1.82 12.01
C PHE B 141 -50.52 3.27 11.54
N GLY B 142 -51.68 3.74 11.08
CA GLY B 142 -51.82 5.14 10.73
C GLY B 142 -51.68 6.07 11.90
N ALA B 143 -52.15 5.66 13.07
CA ALA B 143 -52.06 6.49 14.26
C ALA B 143 -50.65 6.52 14.85
N HIS B 144 -49.90 5.41 14.75
CA HIS B 144 -48.64 5.26 15.45
C HIS B 144 -47.41 5.67 14.63
N MET B 145 -47.58 6.16 13.40
CA MET B 145 -46.45 6.38 12.51
C MET B 145 -46.42 7.82 12.00
N VAL B 146 -45.22 8.38 11.90
CA VAL B 146 -44.99 9.71 11.33
C VAL B 146 -45.06 9.58 9.81
N PRO B 147 -45.53 10.61 9.10
CA PRO B 147 -45.51 10.53 7.62
C PRO B 147 -44.12 10.46 7.01
N LYS B 148 -43.12 11.13 7.58
CA LYS B 148 -41.81 11.22 6.94
C LYS B 148 -40.75 11.64 7.96
N GLN B 149 -39.56 11.02 7.85
CA GLN B 149 -38.43 11.51 8.64
C GLN B 149 -37.12 11.13 7.94
N THR B 150 -36.09 11.95 8.18
CA THR B 150 -34.75 11.72 7.61
C THR B 150 -33.71 11.90 8.71
N LYS B 151 -32.74 10.97 8.76
CA LYS B 151 -31.60 11.06 9.67
C LYS B 151 -30.30 10.93 8.88
N LEU B 152 -29.26 11.56 9.39
CA LEU B 152 -27.89 11.38 8.91
C LEU B 152 -27.06 10.82 10.05
N LEU B 153 -26.33 9.74 9.78
CA LEU B 153 -25.45 9.12 10.77
C LEU B 153 -24.08 8.93 10.14
N ARG B 154 -23.04 9.00 10.97
CA ARG B 154 -21.67 9.12 10.49
C ARG B 154 -20.85 7.88 10.85
N PHE B 155 -20.11 7.35 9.87
CA PHE B 155 -19.26 6.19 10.07
C PHE B 155 -17.92 6.38 9.35
N VAL B 156 -16.84 5.93 9.99
CA VAL B 156 -15.49 5.99 9.42
C VAL B 156 -15.16 4.62 8.85
N VAL B 157 -14.34 4.61 7.79
CA VAL B 157 -13.88 3.37 7.18
C VAL B 157 -12.37 3.47 6.99
N ASN B 158 -11.68 2.33 7.07
CA ASN B 158 -10.23 2.27 6.99
C ASN B 158 -9.83 1.99 5.54
N ASP B 159 -9.25 3.00 4.88
CA ASP B 159 -8.83 2.92 3.49
C ASP B 159 -7.30 2.89 3.48
N GLY B 160 -6.73 1.70 3.36
CA GLY B 160 -5.29 1.55 3.33
C GLY B 160 -4.65 1.93 4.65
N THR B 161 -3.64 2.79 4.59
CA THR B 161 -3.02 3.36 5.78
C THR B 161 -3.75 4.61 6.27
N ARG B 162 -4.84 4.98 5.62
CA ARG B 162 -5.61 6.18 5.94
C ARG B 162 -7.06 5.80 6.20
N TYR B 163 -7.92 6.81 6.26
CA TYR B 163 -9.32 6.62 6.58
C TYR B 163 -10.18 7.52 5.70
N GLN B 164 -11.47 7.20 5.63
CA GLN B 164 -12.46 8.02 4.95
C GLN B 164 -13.71 8.10 5.80
N MET B 165 -14.23 9.30 5.97
CA MET B 165 -15.38 9.56 6.85
C MET B 165 -16.60 9.72 5.96
N CYS B 166 -17.69 9.02 6.27
CA CYS B 166 -18.83 8.97 5.37
C CYS B 166 -20.14 9.00 6.16
N VAL B 167 -21.24 9.25 5.43
CA VAL B 167 -22.55 9.48 6.01
C VAL B 167 -23.55 8.51 5.40
N MET B 168 -24.26 7.78 6.26
CA MET B 168 -25.52 7.15 5.91
C MET B 168 -26.66 8.14 6.06
N LYS B 169 -27.46 8.29 5.01
CA LYS B 169 -28.70 9.06 5.09
C LYS B 169 -29.86 8.08 4.99
N LEU B 170 -30.68 8.03 6.04
CA LEU B 170 -31.79 7.10 6.16
C LEU B 170 -33.07 7.91 6.24
N GLU B 171 -33.89 7.86 5.19
CA GLU B 171 -35.16 8.57 5.18
C GLU B 171 -36.29 7.56 4.96
N SER B 172 -37.46 7.87 5.51
CA SER B 172 -38.55 6.92 5.51
C SER B 172 -39.88 7.66 5.43
N TRP B 173 -40.82 7.03 4.72
CA TRP B 173 -42.22 7.41 4.65
C TRP B 173 -43.07 6.30 5.22
N ALA B 174 -44.12 6.66 5.95
CA ALA B 174 -45.11 5.71 6.42
C ALA B 174 -46.50 6.25 6.09
N HIS B 175 -47.34 5.40 5.51
CA HIS B 175 -48.61 5.89 4.98
C HIS B 175 -49.68 4.81 5.13
N VAL B 176 -50.93 5.26 5.21
CA VAL B 176 -52.11 4.40 5.18
C VAL B 176 -53.05 4.95 4.13
N PHE B 177 -53.42 4.13 3.16
CA PHE B 177 -54.22 4.58 2.02
C PHE B 177 -55.71 4.55 2.36
N ARG B 178 -56.53 4.92 1.37
CA ARG B 178 -57.97 5.00 1.59
C ARG B 178 -58.61 3.62 1.69
N ASP B 179 -58.02 2.62 1.04
CA ASP B 179 -58.53 1.25 1.09
C ASP B 179 -57.97 0.46 2.26
N TYR B 180 -57.51 1.15 3.32
CA TYR B 180 -56.95 0.55 4.53
C TYR B 180 -55.76 -0.35 4.22
N SER B 181 -54.93 0.06 3.27
CA SER B 181 -53.68 -0.59 2.94
C SER B 181 -52.52 0.24 3.46
N VAL B 182 -51.59 -0.42 4.14
CA VAL B 182 -50.48 0.26 4.79
C VAL B 182 -49.25 0.21 3.88
N SER B 183 -48.34 1.15 4.09
CA SER B 183 -47.11 1.21 3.31
C SER B 183 -46.01 1.85 4.15
N PHE B 184 -44.78 1.39 3.95
CA PHE B 184 -43.62 1.85 4.71
C PHE B 184 -42.40 1.77 3.79
N GLN B 185 -41.99 2.92 3.27
CA GLN B 185 -40.95 3.01 2.26
C GLN B 185 -39.68 3.60 2.88
N VAL B 186 -38.54 3.00 2.57
CA VAL B 186 -37.26 3.38 3.17
C VAL B 186 -36.25 3.63 2.05
N ARG B 187 -35.62 4.80 2.08
CA ARG B 187 -34.52 5.12 1.17
C ARG B 187 -33.25 5.32 2.01
N LEU B 188 -32.23 4.51 1.73
CA LEU B 188 -30.97 4.53 2.45
C LEU B 188 -29.86 4.79 1.43
N THR B 189 -29.24 5.97 1.53
CA THR B 189 -28.18 6.34 0.60
C THR B 189 -26.88 6.60 1.34
N PHE B 190 -25.78 6.38 0.63
CA PHE B 190 -24.44 6.53 1.16
C PHE B 190 -23.74 7.71 0.50
N THR B 191 -23.14 8.58 1.31
CA THR B 191 -22.48 9.77 0.80
C THR B 191 -21.13 9.92 1.47
N GLU B 192 -20.23 10.63 0.79
CA GLU B 192 -18.94 11.01 1.36
C GLU B 192 -19.11 12.34 2.09
N ALA B 193 -18.49 12.45 3.26
CA ALA B 193 -18.80 13.53 4.19
C ALA B 193 -18.37 14.91 3.72
N ASN B 194 -17.56 15.01 2.67
CA ASN B 194 -17.20 16.30 2.10
C ASN B 194 -17.43 16.35 0.59
N ASN B 195 -18.29 15.45 0.09
CA ASN B 195 -18.68 15.36 -1.32
C ASN B 195 -17.45 15.11 -2.21
N GLN B 196 -16.83 13.95 -1.99
CA GLN B 196 -15.75 13.46 -2.83
C GLN B 196 -16.24 12.28 -3.65
N THR B 197 -15.65 12.12 -4.84
CA THR B 197 -16.18 11.25 -5.87
C THR B 197 -15.33 9.98 -5.99
N TYR B 198 -16.00 8.86 -6.23
CA TYR B 198 -15.39 7.54 -6.40
C TYR B 198 -14.57 7.12 -5.18
N THR B 199 -15.16 7.30 -4.00
CA THR B 199 -14.48 7.03 -2.75
C THR B 199 -14.66 5.57 -2.35
N PHE B 200 -14.26 5.24 -1.12
CA PHE B 200 -14.40 3.88 -0.62
C PHE B 200 -15.83 3.56 -0.21
N CYS B 201 -16.55 4.53 0.36
CA CYS B 201 -17.91 4.27 0.80
C CYS B 201 -18.88 4.21 -0.37
N THR B 202 -18.69 5.08 -1.36
CA THR B 202 -19.50 5.00 -2.57
C THR B 202 -19.21 3.72 -3.34
N HIS B 203 -17.94 3.33 -3.45
CA HIS B 203 -17.52 2.18 -4.24
C HIS B 203 -16.51 1.34 -3.46
N PRO B 204 -16.99 0.43 -2.60
CA PRO B 204 -16.06 -0.45 -1.88
C PRO B 204 -15.42 -1.51 -2.77
N ASN B 205 -16.00 -1.79 -3.93
CA ASN B 205 -15.55 -2.81 -4.87
C ASN B 205 -15.43 -4.18 -4.18
N LEU B 206 -16.55 -4.61 -3.62
CA LEU B 206 -16.60 -5.87 -2.89
C LEU B 206 -16.57 -7.06 -3.85
N ILE B 207 -16.20 -8.21 -3.32
CA ILE B 207 -16.17 -9.47 -4.06
C ILE B 207 -16.92 -10.51 -3.25
N VAL B 208 -17.96 -11.10 -3.84
CA VAL B 208 -18.74 -12.13 -3.18
C VAL B 208 -18.63 -13.43 -3.98
N GLN C 20 -28.21 -5.08 -18.36
CA GLN C 20 -27.32 -6.08 -17.78
C GLN C 20 -25.86 -5.75 -18.11
N CYS C 21 -24.95 -6.64 -17.72
CA CYS C 21 -23.53 -6.43 -17.98
C CYS C 21 -23.18 -6.90 -19.38
N GLN C 22 -22.57 -6.02 -20.17
CA GLN C 22 -22.08 -6.36 -21.50
C GLN C 22 -20.67 -6.93 -21.36
N ARG C 23 -20.61 -8.18 -20.91
CA ARG C 23 -19.33 -8.83 -20.60
C ARG C 23 -18.49 -9.12 -21.84
N GLU C 24 -19.09 -9.08 -23.03
CA GLU C 24 -18.36 -9.42 -24.25
C GLU C 24 -17.30 -8.38 -24.58
N THR C 25 -17.60 -7.10 -24.39
CA THR C 25 -16.66 -6.03 -24.71
C THR C 25 -16.25 -5.22 -23.50
N ALA C 26 -16.55 -5.67 -22.29
CA ALA C 26 -16.16 -4.94 -21.09
C ALA C 26 -14.69 -5.10 -20.77
N GLU C 27 -14.13 -6.28 -21.03
CA GLU C 27 -12.77 -6.61 -20.62
C GLU C 27 -11.89 -7.01 -21.79
N LYS C 28 -12.17 -6.48 -22.98
CA LYS C 28 -11.31 -6.74 -24.12
C LYS C 28 -9.99 -5.98 -23.99
N ASN C 29 -10.05 -4.75 -23.49
CA ASN C 29 -8.87 -3.93 -23.26
C ASN C 29 -8.44 -4.09 -21.81
N ASP C 30 -7.14 -4.36 -21.60
CA ASP C 30 -6.62 -4.65 -20.27
C ASP C 30 -6.31 -3.40 -19.45
N TYR C 31 -6.47 -2.20 -20.02
CA TYR C 31 -6.19 -0.97 -19.30
C TYR C 31 -7.33 0.04 -19.31
N TYR C 32 -8.44 -0.26 -19.98
CA TYR C 32 -9.56 0.66 -20.10
C TYR C 32 -10.82 0.02 -19.55
N ARG C 33 -11.53 0.73 -18.68
CA ARG C 33 -12.78 0.26 -18.11
C ARG C 33 -13.80 1.38 -18.13
N VAL C 34 -15.05 1.02 -18.42
CA VAL C 34 -16.19 1.91 -18.20
C VAL C 34 -16.38 2.02 -16.70
N PRO C 35 -16.90 3.14 -16.18
CA PRO C 35 -17.09 3.27 -14.74
C PRO C 35 -18.10 2.27 -14.19
N HIS C 36 -17.88 1.88 -12.93
CA HIS C 36 -18.69 0.89 -12.20
C HIS C 36 -18.75 -0.44 -12.93
N TYR C 37 -17.58 -0.93 -13.35
CA TYR C 37 -17.52 -2.26 -13.97
C TYR C 37 -17.74 -3.35 -12.93
N TRP C 38 -17.24 -3.16 -11.72
CA TRP C 38 -17.20 -4.22 -10.73
C TRP C 38 -18.59 -4.59 -10.24
N ASP C 39 -19.41 -3.60 -9.89
CA ASP C 39 -20.75 -3.88 -9.39
C ASP C 39 -21.71 -4.28 -10.51
N ALA C 40 -21.48 -3.79 -11.73
CA ALA C 40 -22.35 -4.15 -12.85
C ALA C 40 -22.15 -5.60 -13.27
N CYS C 41 -20.95 -6.15 -13.06
CA CYS C 41 -20.62 -7.49 -13.53
C CYS C 41 -20.10 -8.37 -12.39
N SER C 42 -20.55 -8.11 -11.16
CA SER C 42 -20.21 -8.99 -10.06
C SER C 42 -21.09 -10.24 -10.08
N ARG C 43 -20.80 -11.17 -9.18
CA ARG C 43 -21.63 -12.34 -9.02
C ARG C 43 -22.92 -11.98 -8.31
N ALA C 44 -24.05 -12.43 -8.86
CA ALA C 44 -25.34 -12.18 -8.25
C ALA C 44 -25.45 -12.93 -6.92
N LEU C 45 -26.04 -12.26 -5.93
CA LEU C 45 -26.11 -12.82 -4.60
C LEU C 45 -27.07 -14.02 -4.56
N PRO C 46 -26.79 -15.00 -3.70
CA PRO C 46 -27.74 -16.11 -3.52
C PRO C 46 -29.02 -15.63 -2.84
N ASP C 47 -30.08 -16.40 -3.06
CA ASP C 47 -31.40 -16.00 -2.59
C ASP C 47 -31.52 -16.09 -1.07
N GLN C 48 -30.95 -17.14 -0.47
CA GLN C 48 -31.02 -17.32 0.98
C GLN C 48 -30.22 -16.26 1.73
N THR C 49 -29.27 -15.61 1.07
CA THR C 49 -28.51 -14.51 1.64
C THR C 49 -29.21 -13.17 1.39
N ARG C 50 -29.69 -12.95 0.17
CA ARG C 50 -30.36 -11.70 -0.19
C ARG C 50 -31.65 -11.49 0.59
N TYR C 51 -32.44 -12.55 0.76
CA TYR C 51 -33.70 -12.41 1.47
C TYR C 51 -33.49 -12.20 2.96
N LYS C 52 -32.46 -12.84 3.54
CA LYS C 52 -32.13 -12.58 4.94
C LYS C 52 -31.64 -11.15 5.13
N TYR C 53 -30.85 -10.63 4.18
CA TYR C 53 -30.41 -9.24 4.23
C TYR C 53 -31.58 -8.28 4.19
N VAL C 54 -32.54 -8.55 3.29
CA VAL C 54 -33.72 -7.70 3.15
C VAL C 54 -34.57 -7.75 4.41
N GLU C 55 -34.73 -8.95 5.00
CA GLU C 55 -35.51 -9.09 6.22
C GLU C 55 -34.88 -8.34 7.38
N GLN C 56 -33.57 -8.44 7.54
CA GLN C 56 -32.90 -7.75 8.63
C GLN C 56 -32.95 -6.23 8.44
N LEU C 57 -32.78 -5.76 7.20
CA LEU C 57 -32.86 -4.33 6.92
C LEU C 57 -34.26 -3.78 7.19
N VAL C 58 -35.29 -4.52 6.78
CA VAL C 58 -36.68 -4.10 7.01
C VAL C 58 -36.96 -4.06 8.50
N ASP C 59 -36.50 -5.07 9.25
CA ASP C 59 -36.71 -5.10 10.69
C ASP C 59 -36.02 -3.93 11.39
N LEU C 60 -34.78 -3.63 10.99
CA LEU C 60 -34.04 -2.54 11.63
C LEU C 60 -34.66 -1.18 11.32
N THR C 61 -34.99 -0.92 10.05
CA THR C 61 -35.61 0.34 9.69
C THR C 61 -37.00 0.48 10.27
N LEU C 62 -37.74 -0.62 10.42
CA LEU C 62 -39.08 -0.56 10.97
C LEU C 62 -39.07 -0.29 12.47
N ASN C 63 -38.16 -0.94 13.20
CA ASN C 63 -38.00 -0.64 14.62
C ASN C 63 -37.53 0.79 14.83
N TYR C 64 -36.59 1.26 13.99
CA TYR C 64 -36.14 2.64 14.09
C TYR C 64 -37.26 3.63 13.80
N HIS C 65 -38.09 3.34 12.80
CA HIS C 65 -39.16 4.27 12.45
C HIS C 65 -40.25 4.30 13.50
N TYR C 66 -40.54 3.15 14.13
CA TYR C 66 -41.51 3.14 15.23
C TYR C 66 -40.98 3.93 16.43
N ASP C 67 -39.70 3.73 16.78
CA ASP C 67 -39.10 4.49 17.87
C ASP C 67 -38.98 5.97 17.53
N ALA C 68 -38.88 6.29 16.24
CA ALA C 68 -38.80 7.67 15.79
C ALA C 68 -40.14 8.37 15.82
N SER C 69 -41.21 7.68 15.44
CA SER C 69 -42.55 8.24 15.53
C SER C 69 -42.98 8.39 16.99
N HIS C 70 -42.48 7.52 17.87
CA HIS C 70 -42.75 7.75 19.30
C HIS C 70 -41.94 8.92 19.84
N GLY C 71 -40.78 9.21 19.25
CA GLY C 71 -39.94 10.30 19.68
C GLY C 71 -38.73 9.89 20.48
N LEU C 72 -38.76 8.70 21.09
CA LEU C 72 -37.61 8.15 21.81
C LEU C 72 -36.60 7.66 20.78
N ASP C 73 -35.65 8.53 20.43
CA ASP C 73 -34.71 8.27 19.34
C ASP C 73 -33.70 7.21 19.77
N ASN C 74 -34.10 5.95 19.65
CA ASN C 74 -33.22 4.82 19.90
C ASN C 74 -32.40 4.59 18.64
N PHE C 75 -31.28 5.30 18.53
CA PHE C 75 -30.41 5.19 17.37
C PHE C 75 -29.44 4.02 17.46
N ASP C 76 -29.50 3.25 18.54
CA ASP C 76 -28.66 2.06 18.66
C ASP C 76 -29.05 0.97 17.66
N VAL C 77 -30.29 0.98 17.16
CA VAL C 77 -30.70 0.00 16.17
C VAL C 77 -30.11 0.30 14.80
N LEU C 78 -29.70 1.55 14.54
CA LEU C 78 -29.01 1.86 13.29
C LEU C 78 -27.56 1.38 13.30
N LYS C 79 -27.00 1.11 14.48
CA LYS C 79 -25.66 0.53 14.56
C LYS C 79 -25.63 -0.90 14.08
N ARG C 80 -26.77 -1.59 14.07
CA ARG C 80 -26.84 -2.96 13.60
C ARG C 80 -26.96 -3.05 12.08
N ILE C 81 -27.12 -1.93 11.39
CA ILE C 81 -27.17 -1.93 9.93
C ILE C 81 -25.76 -2.14 9.40
N ASN C 82 -25.59 -3.15 8.56
CA ASN C 82 -24.28 -3.51 8.04
C ASN C 82 -24.05 -2.79 6.72
N VAL C 83 -22.90 -2.11 6.60
CA VAL C 83 -22.59 -1.39 5.37
C VAL C 83 -22.31 -2.37 4.24
N THR C 84 -21.66 -3.49 4.55
CA THR C 84 -21.36 -4.49 3.53
C THR C 84 -22.64 -5.08 2.94
N GLU C 85 -23.60 -5.42 3.81
CA GLU C 85 -24.85 -6.02 3.36
C GLU C 85 -25.67 -5.05 2.51
N VAL C 86 -25.76 -3.79 2.95
CA VAL C 86 -26.53 -2.80 2.21
C VAL C 86 -25.86 -2.46 0.89
N SER C 87 -24.53 -2.38 0.88
CA SER C 87 -23.81 -2.10 -0.37
C SER C 87 -23.95 -3.25 -1.36
N LEU C 88 -23.93 -4.49 -0.87
CA LEU C 88 -24.16 -5.64 -1.75
C LEU C 88 -25.60 -5.67 -2.26
N LEU C 89 -26.56 -5.26 -1.43
CA LEU C 89 -27.95 -5.16 -1.88
C LEU C 89 -28.10 -4.11 -2.97
N ILE C 90 -27.40 -2.98 -2.84
CA ILE C 90 -27.40 -1.98 -3.90
C ILE C 90 -26.73 -2.53 -5.15
N SER C 91 -25.66 -3.29 -4.98
CA SER C 91 -24.91 -3.82 -6.12
C SER C 91 -25.73 -4.81 -6.93
N ASP C 92 -26.49 -5.69 -6.27
CA ASP C 92 -27.26 -6.67 -7.03
C ASP C 92 -28.68 -6.22 -7.35
N PHE C 93 -29.20 -5.18 -6.69
CA PHE C 93 -30.48 -4.61 -7.07
C PHE C 93 -30.35 -3.58 -8.17
N ARG C 94 -29.13 -3.21 -8.57
CA ARG C 94 -28.94 -2.18 -9.56
C ARG C 94 -29.33 -2.65 -10.95
N ARG C 95 -28.90 -3.86 -11.33
CA ARG C 95 -29.15 -4.38 -12.67
C ARG C 95 -30.51 -5.06 -12.80
N GLN C 96 -30.97 -5.74 -11.75
CA GLN C 96 -32.28 -6.38 -11.74
C GLN C 96 -33.00 -6.02 -10.45
N ASN C 97 -34.29 -5.71 -10.57
CA ASN C 97 -35.08 -5.23 -9.44
C ASN C 97 -35.94 -6.39 -8.94
N ARG C 98 -35.50 -7.03 -7.86
CA ARG C 98 -36.26 -8.12 -7.26
C ARG C 98 -37.53 -7.60 -6.61
N ARG C 99 -38.63 -8.32 -6.80
CA ARG C 99 -39.91 -7.95 -6.22
C ARG C 99 -40.59 -9.17 -5.62
N GLY C 100 -41.29 -8.95 -4.52
CA GLY C 100 -42.13 -9.97 -3.92
C GLY C 100 -43.56 -9.84 -4.40
N GLY C 101 -43.76 -9.86 -5.72
CA GLY C 101 -45.05 -9.58 -6.29
C GLY C 101 -45.99 -10.76 -6.40
N THR C 102 -47.13 -10.67 -5.71
CA THR C 102 -48.20 -11.63 -5.88
C THR C 102 -48.88 -11.39 -7.23
N ASN C 103 -49.55 -12.41 -7.75
CA ASN C 103 -50.13 -12.36 -9.09
C ASN C 103 -51.23 -11.31 -9.24
N LYS C 104 -51.84 -10.87 -8.15
CA LYS C 104 -52.86 -9.82 -8.21
C LYS C 104 -52.32 -8.44 -7.88
N ARG C 105 -51.48 -8.31 -6.86
CA ARG C 105 -50.95 -7.01 -6.46
C ARG C 105 -49.57 -7.20 -5.85
N THR C 106 -48.70 -6.21 -6.06
CA THR C 106 -47.35 -6.29 -5.51
C THR C 106 -47.35 -6.03 -4.00
N THR C 107 -46.45 -6.73 -3.31
CA THR C 107 -46.31 -6.60 -1.86
C THR C 107 -44.99 -5.97 -1.44
N PHE C 108 -43.89 -6.39 -2.05
CA PHE C 108 -42.57 -5.82 -1.77
C PHE C 108 -41.79 -5.72 -3.08
N ASN C 109 -41.10 -4.60 -3.25
CA ASN C 109 -40.17 -4.44 -4.36
C ASN C 109 -39.00 -3.57 -3.91
N ALA C 110 -37.91 -3.63 -4.66
CA ALA C 110 -36.70 -2.90 -4.30
C ALA C 110 -35.95 -2.50 -5.56
N ALA C 111 -35.10 -1.48 -5.42
CA ALA C 111 -34.28 -0.98 -6.50
C ALA C 111 -33.01 -0.37 -5.91
N GLY C 112 -32.00 -0.25 -6.76
CA GLY C 112 -30.73 0.33 -6.36
C GLY C 112 -30.35 1.47 -7.28
N SER C 113 -29.55 2.38 -6.74
CA SER C 113 -29.08 3.55 -7.48
C SER C 113 -27.59 3.71 -7.25
N LEU C 114 -26.84 3.90 -8.32
CA LEU C 114 -25.41 4.09 -8.24
C LEU C 114 -25.04 5.40 -8.93
N ALA C 115 -24.40 6.29 -8.19
CA ALA C 115 -23.92 7.57 -8.69
C ALA C 115 -22.42 7.65 -8.48
N PRO C 116 -21.74 8.51 -9.22
CA PRO C 116 -20.33 8.80 -8.91
C PRO C 116 -20.10 9.27 -7.48
N HIS C 117 -21.05 9.99 -6.89
CA HIS C 117 -20.89 10.53 -5.55
C HIS C 117 -21.87 9.93 -4.53
N ALA C 118 -22.72 8.99 -4.93
CA ALA C 118 -23.76 8.50 -4.04
C ALA C 118 -24.11 7.06 -4.40
N ARG C 119 -24.76 6.38 -3.44
CA ARG C 119 -25.09 4.97 -3.57
C ARG C 119 -26.34 4.72 -2.73
N SER C 120 -27.48 4.55 -3.39
CA SER C 120 -28.78 4.56 -2.72
C SER C 120 -29.48 3.21 -2.85
N LEU C 121 -30.23 2.87 -1.81
CA LEU C 121 -31.09 1.68 -1.79
C LEU C 121 -32.52 2.13 -1.54
N GLU C 122 -33.45 1.65 -2.37
CA GLU C 122 -34.85 1.98 -2.22
C GLU C 122 -35.65 0.68 -2.12
N PHE C 123 -36.65 0.65 -1.25
CA PHE C 123 -37.61 -0.44 -1.30
C PHE C 123 -38.96 0.03 -0.80
N SER C 124 -40.01 -0.62 -1.31
CA SER C 124 -41.38 -0.35 -0.92
C SER C 124 -42.04 -1.66 -0.52
N VAL C 125 -42.63 -1.70 0.67
CA VAL C 125 -43.38 -2.84 1.16
C VAL C 125 -44.82 -2.40 1.37
N ARG C 126 -45.76 -3.12 0.76
CA ARG C 126 -47.18 -2.78 0.83
C ARG C 126 -47.94 -3.99 1.32
N LEU C 127 -48.67 -3.84 2.42
CA LEU C 127 -49.58 -4.86 2.92
C LEU C 127 -51.02 -4.42 2.69
N PHE C 128 -51.92 -5.41 2.64
CA PHE C 128 -53.30 -5.19 2.23
C PHE C 128 -54.26 -5.79 3.24
N ALA C 129 -55.44 -5.16 3.34
CA ALA C 129 -56.53 -5.66 4.16
C ALA C 129 -57.75 -6.03 3.33
N ASN C 130 -57.62 -6.08 2.00
CA ASN C 130 -58.75 -6.41 1.14
C ASN C 130 -58.50 -7.71 0.40
N SER D 2 25.16 -26.93 -19.57
CA SER D 2 25.34 -25.48 -19.74
C SER D 2 24.74 -25.02 -21.07
N ALA D 3 23.53 -24.48 -21.02
CA ALA D 3 22.85 -24.00 -22.21
C ALA D 3 23.26 -22.59 -22.61
N LEU D 4 24.03 -21.88 -21.77
CA LEU D 4 24.51 -20.55 -22.10
C LEU D 4 25.83 -20.66 -22.85
N THR D 5 25.93 -19.97 -23.97
CA THR D 5 27.06 -20.10 -24.89
C THR D 5 28.03 -18.93 -24.73
N GLN D 6 29.29 -19.24 -24.49
CA GLN D 6 30.38 -18.28 -24.40
C GLN D 6 31.52 -18.70 -25.30
N PRO D 7 32.35 -17.74 -25.75
CA PRO D 7 33.59 -18.12 -26.40
C PRO D 7 34.53 -18.80 -25.43
N PRO D 8 35.44 -19.65 -25.90
CA PRO D 8 36.26 -20.43 -24.97
C PRO D 8 37.31 -19.61 -24.22
N SER D 9 37.89 -18.58 -24.84
CA SER D 9 39.02 -17.89 -24.22
C SER D 9 39.12 -16.47 -24.75
N ALA D 10 39.87 -15.64 -24.01
CA ALA D 10 40.17 -14.28 -24.39
C ALA D 10 41.55 -13.92 -23.87
N SER D 11 42.13 -12.87 -24.44
CA SER D 11 43.49 -12.47 -24.11
C SER D 11 43.55 -10.97 -23.89
N GLY D 12 44.55 -10.53 -23.14
CA GLY D 12 44.68 -9.12 -22.82
C GLY D 12 46.08 -8.65 -22.48
N THR D 13 46.16 -7.40 -22.01
CA THR D 13 47.37 -6.69 -21.64
C THR D 13 47.17 -6.15 -20.23
N PRO D 14 48.25 -6.09 -19.41
CA PRO D 14 48.11 -5.47 -18.07
C PRO D 14 47.69 -4.02 -18.14
N GLY D 15 46.48 -3.74 -17.66
CA GLY D 15 45.89 -2.43 -17.76
C GLY D 15 44.90 -2.24 -18.89
N GLN D 16 44.53 -3.31 -19.59
CA GLN D 16 43.66 -3.22 -20.74
C GLN D 16 42.23 -3.68 -20.36
N ARG D 17 41.37 -3.79 -21.37
CA ARG D 17 39.96 -4.11 -21.19
C ARG D 17 39.65 -5.49 -21.73
N VAL D 18 38.77 -6.22 -21.06
CA VAL D 18 38.32 -7.54 -21.47
C VAL D 18 36.80 -7.54 -21.51
N THR D 19 36.22 -7.94 -22.64
CA THR D 19 34.78 -8.00 -22.83
C THR D 19 34.38 -9.46 -23.02
N ILE D 20 33.58 -9.97 -22.10
CA ILE D 20 33.12 -11.36 -22.08
C ILE D 20 31.65 -11.37 -22.44
N SER D 21 31.28 -12.16 -23.45
CA SER D 21 29.91 -12.23 -23.94
C SER D 21 29.27 -13.54 -23.51
N CYS D 22 28.05 -13.45 -22.98
CA CYS D 22 27.26 -14.61 -22.60
C CYS D 22 25.95 -14.54 -23.36
N SER D 23 25.66 -15.59 -24.14
CA SER D 23 24.51 -15.59 -25.02
C SER D 23 23.51 -16.67 -24.59
N GLY D 24 22.26 -16.42 -24.89
CA GLY D 24 21.19 -17.35 -24.55
C GLY D 24 19.99 -17.10 -25.43
N SER D 25 18.81 -17.47 -24.92
CA SER D 25 17.58 -17.29 -25.67
C SER D 25 16.56 -16.51 -24.85
N SER D 26 15.33 -16.42 -25.35
CA SER D 26 14.30 -15.67 -24.66
C SER D 26 13.76 -16.38 -23.42
N SER D 27 14.14 -17.63 -23.19
CA SER D 27 13.61 -18.38 -22.06
C SER D 27 14.46 -18.26 -20.79
N ASN D 28 15.72 -17.84 -20.91
CA ASN D 28 16.62 -17.79 -19.77
C ASN D 28 17.09 -16.37 -19.42
N ILE D 29 17.68 -15.64 -20.37
CA ILE D 29 18.11 -14.28 -20.05
C ILE D 29 16.97 -13.29 -20.27
N GLY D 30 16.14 -13.52 -21.29
CA GLY D 30 15.08 -12.59 -21.66
C GLY D 30 13.99 -12.45 -20.61
N SER D 31 13.95 -13.32 -19.60
CA SER D 31 13.00 -13.20 -18.51
C SER D 31 13.63 -13.06 -17.14
N ASN D 32 14.86 -13.54 -16.94
CA ASN D 32 15.47 -13.59 -15.62
C ASN D 32 16.88 -13.00 -15.68
N THR D 33 17.41 -12.67 -14.50
CA THR D 33 18.63 -11.90 -14.41
C THR D 33 19.86 -12.73 -14.74
N VAL D 34 20.98 -12.04 -14.97
CA VAL D 34 22.26 -12.65 -15.25
C VAL D 34 23.21 -12.32 -14.11
N HIS D 35 23.90 -13.33 -13.60
CA HIS D 35 24.92 -13.14 -12.57
C HIS D 35 26.24 -13.73 -13.05
N TRP D 36 27.30 -12.93 -12.94
CA TRP D 36 28.64 -13.36 -13.33
C TRP D 36 29.45 -13.76 -12.10
N TYR D 37 30.11 -14.90 -12.20
CA TYR D 37 30.91 -15.47 -11.13
C TYR D 37 32.34 -15.63 -11.62
N GLN D 38 33.30 -15.31 -10.76
CA GLN D 38 34.71 -15.45 -11.08
C GLN D 38 35.32 -16.51 -10.17
N GLN D 39 36.10 -17.42 -10.75
CA GLN D 39 36.81 -18.44 -10.01
C GLN D 39 38.30 -18.33 -10.35
N LEU D 40 39.09 -17.90 -9.36
CA LEU D 40 40.54 -17.90 -9.55
C LEU D 40 41.05 -19.34 -9.54
N PRO D 41 42.15 -19.63 -10.28
CA PRO D 41 42.64 -21.01 -10.37
C PRO D 41 43.12 -21.56 -9.04
N GLY D 42 42.39 -22.56 -8.53
CA GLY D 42 42.72 -23.17 -7.26
C GLY D 42 41.91 -22.69 -6.07
N THR D 43 40.86 -21.90 -6.28
CA THR D 43 40.05 -21.36 -5.21
C THR D 43 38.57 -21.63 -5.51
N ALA D 44 37.76 -21.45 -4.47
CA ALA D 44 36.31 -21.48 -4.64
C ALA D 44 35.85 -20.27 -5.46
N PRO D 45 34.81 -20.43 -6.27
CA PRO D 45 34.35 -19.31 -7.09
C PRO D 45 33.77 -18.17 -6.27
N LYS D 46 33.87 -16.97 -6.81
CA LYS D 46 33.49 -15.75 -6.13
C LYS D 46 32.47 -15.00 -6.98
N LEU D 47 31.49 -14.39 -6.31
CA LEU D 47 30.49 -13.61 -7.01
C LEU D 47 31.08 -12.30 -7.47
N LEU D 48 30.86 -11.96 -8.74
CA LEU D 48 31.41 -10.75 -9.32
C LEU D 48 30.33 -9.74 -9.65
N ILE D 49 29.25 -10.14 -10.32
CA ILE D 49 28.09 -9.28 -10.57
C ILE D 49 26.85 -10.07 -10.22
N TYR D 50 26.00 -9.54 -9.32
CA TYR D 50 24.83 -10.29 -8.86
C TYR D 50 23.51 -9.71 -9.34
N SER D 51 23.55 -8.82 -10.31
CA SER D 51 22.35 -8.41 -11.02
C SER D 51 22.78 -8.08 -12.44
N ASN D 52 21.95 -7.33 -13.16
CA ASN D 52 22.37 -6.95 -14.49
C ASN D 52 23.55 -5.98 -14.46
N ASN D 53 23.64 -5.12 -13.42
CA ASN D 53 24.77 -4.21 -13.30
C ASN D 53 25.24 -3.95 -11.87
N GLN D 54 25.10 -4.91 -10.95
CA GLN D 54 25.35 -4.66 -9.53
C GLN D 54 26.55 -5.46 -9.02
N ARG D 55 27.47 -4.78 -8.31
CA ARG D 55 28.69 -5.24 -7.65
C ARG D 55 28.44 -5.50 -6.17
N PRO D 56 29.01 -6.57 -5.61
CA PRO D 56 28.98 -6.73 -4.16
C PRO D 56 30.07 -5.93 -3.46
N SER D 57 30.18 -6.09 -2.15
CA SER D 57 31.16 -5.34 -1.36
C SER D 57 32.46 -6.12 -1.33
N GLY D 58 33.47 -5.59 -2.03
CA GLY D 58 34.76 -6.24 -2.10
C GLY D 58 35.25 -6.34 -3.52
N VAL D 59 34.32 -6.19 -4.46
CA VAL D 59 34.62 -6.24 -5.88
C VAL D 59 34.93 -4.82 -6.35
N PRO D 60 36.10 -4.57 -6.95
CA PRO D 60 36.44 -3.21 -7.38
C PRO D 60 35.56 -2.73 -8.52
N ASP D 61 35.49 -1.41 -8.65
CA ASP D 61 34.57 -0.74 -9.58
C ASP D 61 34.97 -0.90 -11.04
N ARG D 62 36.11 -1.52 -11.33
CA ARG D 62 36.52 -1.74 -12.70
C ARG D 62 35.78 -2.91 -13.36
N PHE D 63 35.18 -3.79 -12.58
CA PHE D 63 34.29 -4.82 -13.11
C PHE D 63 32.91 -4.23 -13.38
N SER D 64 32.38 -4.45 -14.58
CA SER D 64 31.08 -3.88 -14.92
C SER D 64 30.24 -4.89 -15.70
N GLY D 65 28.97 -5.01 -15.32
CA GLY D 65 28.04 -5.84 -16.04
C GLY D 65 27.14 -5.03 -16.96
N SER D 66 26.68 -5.68 -18.02
CA SER D 66 25.83 -5.01 -19.00
C SER D 66 24.89 -6.03 -19.64
N ARG D 67 23.80 -5.53 -20.21
CA ARG D 67 22.68 -6.34 -20.67
C ARG D 67 22.27 -5.90 -22.07
N SER D 68 21.94 -6.87 -22.92
CA SER D 68 21.44 -6.56 -24.26
C SER D 68 20.47 -7.68 -24.66
N GLY D 69 19.18 -7.40 -24.56
CA GLY D 69 18.15 -8.34 -24.95
C GLY D 69 18.17 -9.64 -24.17
N THR D 70 18.58 -10.72 -24.85
CA THR D 70 18.74 -12.03 -24.24
C THR D 70 20.21 -12.41 -24.08
N SER D 71 21.07 -11.42 -23.82
CA SER D 71 22.49 -11.68 -23.69
C SER D 71 23.09 -10.69 -22.69
N ALA D 72 24.30 -10.99 -22.23
CA ALA D 72 24.95 -10.20 -21.21
C ALA D 72 26.43 -10.05 -21.53
N SER D 73 27.04 -9.02 -20.94
CA SER D 73 28.45 -8.70 -21.15
C SER D 73 29.11 -8.36 -19.83
N LEU D 74 30.36 -8.78 -19.67
CA LEU D 74 31.17 -8.47 -18.50
C LEU D 74 32.44 -7.78 -18.97
N ALA D 75 32.67 -6.56 -18.50
CA ALA D 75 33.80 -5.75 -18.92
C ALA D 75 34.74 -5.53 -17.74
N ILE D 76 36.01 -5.87 -17.95
CA ILE D 76 37.06 -5.64 -16.97
C ILE D 76 37.97 -4.56 -17.53
N SER D 77 38.05 -3.43 -16.82
CA SER D 77 38.90 -2.32 -17.22
C SER D 77 40.15 -2.32 -16.35
N GLY D 78 41.29 -2.02 -16.96
CA GLY D 78 42.55 -2.03 -16.22
C GLY D 78 42.92 -3.41 -15.74
N LEU D 79 43.23 -4.30 -16.68
CA LEU D 79 43.52 -5.69 -16.36
C LEU D 79 44.80 -5.81 -15.54
N ARG D 80 44.78 -6.70 -14.55
CA ARG D 80 45.95 -7.01 -13.75
C ARG D 80 46.19 -8.51 -13.79
N SER D 81 47.19 -8.97 -13.04
CA SER D 81 47.49 -10.39 -12.98
C SER D 81 46.51 -11.16 -12.12
N GLU D 82 45.82 -10.49 -11.20
CA GLU D 82 44.82 -11.15 -10.36
C GLU D 82 43.48 -11.33 -11.07
N ASP D 83 43.30 -10.72 -12.24
CA ASP D 83 42.11 -10.93 -13.05
C ASP D 83 42.19 -12.20 -13.89
N GLU D 84 43.34 -12.87 -13.91
CA GLU D 84 43.54 -14.09 -14.69
C GLU D 84 42.83 -15.23 -13.99
N ALA D 85 41.59 -15.49 -14.40
CA ALA D 85 40.74 -16.45 -13.72
C ALA D 85 39.81 -17.08 -14.75
N ASP D 86 38.79 -17.79 -14.25
CA ASP D 86 37.72 -18.34 -15.08
C ASP D 86 36.44 -17.58 -14.76
N TYR D 87 35.63 -17.31 -15.79
CA TYR D 87 34.42 -16.53 -15.62
C TYR D 87 33.22 -17.31 -16.14
N TYR D 88 32.14 -17.29 -15.37
CA TYR D 88 30.95 -18.09 -15.66
C TYR D 88 29.72 -17.22 -15.50
N CYS D 89 28.92 -17.12 -16.57
CA CYS D 89 27.64 -16.43 -16.51
C CYS D 89 26.54 -17.42 -16.14
N ALA D 90 25.56 -16.93 -15.38
CA ALA D 90 24.46 -17.77 -14.92
C ALA D 90 23.15 -17.03 -15.05
N ALA D 91 22.09 -17.76 -15.41
CA ALA D 91 20.77 -17.18 -15.54
C ALA D 91 19.73 -18.27 -15.29
N TRP D 92 18.55 -17.85 -14.83
CA TRP D 92 17.48 -18.79 -14.55
C TRP D 92 16.64 -19.00 -15.81
N ASP D 93 16.26 -20.25 -16.07
CA ASP D 93 15.43 -20.61 -17.21
C ASP D 93 14.08 -21.11 -16.70
N ASP D 94 13.00 -20.54 -17.25
CA ASP D 94 11.66 -20.95 -16.87
C ASP D 94 11.17 -22.16 -17.64
N SER D 95 11.64 -22.34 -18.89
CA SER D 95 11.25 -23.51 -19.67
C SER D 95 11.86 -24.78 -19.08
N LEU D 96 13.16 -24.76 -18.80
CA LEU D 96 13.78 -25.88 -18.10
C LEU D 96 13.51 -25.86 -16.61
N ASN D 97 13.12 -24.70 -16.07
CA ASN D 97 12.87 -24.46 -14.65
C ASN D 97 14.12 -24.86 -13.85
N GLY D 98 15.13 -23.99 -13.98
CA GLY D 98 16.35 -24.21 -13.23
C GLY D 98 17.42 -23.21 -13.63
N ARG D 99 18.50 -23.22 -12.86
CA ARG D 99 19.61 -22.33 -13.09
C ARG D 99 20.54 -22.92 -14.13
N VAL D 100 21.03 -22.08 -15.05
CA VAL D 100 21.83 -22.49 -16.17
C VAL D 100 23.11 -21.65 -16.18
N PHE D 101 24.25 -22.33 -16.26
CA PHE D 101 25.54 -21.65 -16.33
C PHE D 101 26.05 -21.59 -17.76
N GLY D 102 27.12 -20.83 -17.94
CA GLY D 102 27.78 -20.75 -19.22
C GLY D 102 28.82 -21.85 -19.40
N THR D 103 29.37 -21.91 -20.61
CA THR D 103 30.42 -22.88 -20.90
C THR D 103 31.68 -22.56 -20.11
N GLY D 104 32.14 -21.31 -20.17
CA GLY D 104 33.35 -20.90 -19.49
C GLY D 104 34.26 -20.07 -20.36
N THR D 105 34.90 -19.07 -19.75
CA THR D 105 35.79 -18.17 -20.47
C THR D 105 37.15 -18.11 -19.78
N LYS D 106 38.19 -17.99 -20.59
CA LYS D 106 39.57 -17.87 -20.13
C LYS D 106 40.06 -16.47 -20.46
N VAL D 107 40.46 -15.72 -19.43
CA VAL D 107 41.03 -14.39 -19.59
C VAL D 107 42.49 -14.49 -19.23
N THR D 108 43.36 -14.36 -20.22
CA THR D 108 44.81 -14.46 -20.03
C THR D 108 45.41 -13.08 -20.11
N VAL D 109 46.26 -12.74 -19.14
CA VAL D 109 46.99 -11.49 -19.12
C VAL D 109 48.48 -11.79 -19.26
N LEU D 110 49.15 -11.05 -20.14
CA LEU D 110 50.51 -11.38 -20.52
C LEU D 110 51.53 -10.47 -19.85
N VAL E 21 30.06 -15.34 8.19
CA VAL E 21 29.69 -16.33 7.20
C VAL E 21 30.84 -17.32 6.93
N HIS E 22 30.51 -18.61 6.98
CA HIS E 22 31.48 -19.65 6.69
C HIS E 22 30.73 -20.92 6.29
N LEU E 23 31.23 -21.59 5.27
CA LEU E 23 30.63 -22.84 4.79
C LEU E 23 31.71 -23.88 4.60
N GLU E 24 31.65 -24.94 5.40
CA GLU E 24 32.65 -26.01 5.36
C GLU E 24 32.01 -27.31 4.89
N GLU E 25 32.58 -27.90 3.85
CA GLU E 25 32.06 -29.14 3.29
C GLU E 25 32.93 -30.33 3.69
N SER E 26 32.31 -31.51 3.63
CA SER E 26 32.99 -32.77 3.95
C SER E 26 32.24 -33.92 3.29
N GLY E 27 32.90 -35.06 3.23
CA GLY E 27 32.31 -36.28 2.74
C GLY E 27 32.73 -36.75 1.36
N GLY E 28 33.93 -36.39 0.90
CA GLY E 28 34.42 -36.79 -0.40
C GLY E 28 35.63 -37.71 -0.32
N GLY E 29 36.36 -37.78 -1.43
CA GLY E 29 37.54 -38.62 -1.53
C GLY E 29 37.41 -39.64 -2.64
N LEU E 30 37.97 -40.83 -2.39
CA LEU E 30 37.93 -41.93 -3.35
C LEU E 30 36.81 -42.89 -2.94
N VAL E 31 35.78 -42.98 -3.78
CA VAL E 31 34.65 -43.88 -3.55
C VAL E 31 34.53 -44.80 -4.75
N LYS E 32 34.34 -46.09 -4.49
CA LYS E 32 34.21 -47.08 -5.55
C LYS E 32 32.88 -46.88 -6.29
N PRO E 33 32.84 -47.23 -7.58
CA PRO E 33 31.58 -47.11 -8.34
C PRO E 33 30.51 -48.06 -7.83
N GLY E 34 29.27 -47.64 -7.99
CA GLY E 34 28.12 -48.42 -7.58
C GLY E 34 27.61 -48.13 -6.18
N GLY E 35 28.38 -47.40 -5.36
CA GLY E 35 27.97 -47.08 -4.02
C GLY E 35 27.25 -45.74 -3.93
N SER E 36 27.13 -45.25 -2.70
CA SER E 36 26.50 -43.96 -2.45
C SER E 36 27.12 -43.35 -1.20
N LEU E 37 27.36 -42.03 -1.25
CA LEU E 37 27.94 -41.32 -0.12
C LEU E 37 27.36 -39.91 -0.09
N ARG E 38 27.18 -39.39 1.13
CA ARG E 38 26.52 -38.12 1.34
C ARG E 38 27.55 -37.02 1.55
N LEU E 39 27.36 -35.89 0.87
CA LEU E 39 28.21 -34.72 1.00
C LEU E 39 27.53 -33.71 1.90
N SER E 40 28.24 -33.28 2.95
CA SER E 40 27.67 -32.42 3.97
C SER E 40 28.31 -31.04 3.92
N CYS E 41 27.51 -30.02 4.24
CA CYS E 41 27.94 -28.64 4.31
C CYS E 41 27.42 -28.03 5.61
N VAL E 42 28.31 -27.38 6.35
CA VAL E 42 27.99 -26.76 7.64
C VAL E 42 28.15 -25.25 7.49
N ALA E 43 27.13 -24.51 7.92
CA ALA E 43 27.11 -23.06 7.86
C ALA E 43 27.40 -22.46 9.21
N SER E 44 28.04 -21.28 9.21
CA SER E 44 28.46 -20.64 10.44
C SER E 44 28.36 -19.13 10.31
N GLY E 45 28.03 -18.47 11.42
CA GLY E 45 27.87 -17.04 11.48
C GLY E 45 26.44 -16.55 11.48
N PHE E 46 25.49 -17.44 11.23
CA PHE E 46 24.10 -17.09 10.95
C PHE E 46 23.20 -18.31 11.15
N SER E 47 22.14 -18.13 11.95
CA SER E 47 21.34 -19.26 12.45
C SER E 47 19.85 -18.94 12.52
N PHE E 48 19.33 -18.16 11.57
CA PHE E 48 17.91 -17.83 11.54
C PHE E 48 17.07 -18.84 10.77
N SER E 49 17.70 -19.84 10.13
CA SER E 49 17.03 -20.92 9.38
C SER E 49 16.14 -20.39 8.26
N ASP E 50 16.62 -19.35 7.57
CA ASP E 50 15.93 -18.75 6.44
C ASP E 50 16.82 -18.75 5.19
N TYR E 51 17.47 -19.87 4.91
CA TYR E 51 18.58 -19.91 3.95
C TYR E 51 18.25 -20.80 2.76
N TYR E 52 18.43 -20.25 1.57
CA TYR E 52 18.05 -20.83 0.29
C TYR E 52 19.25 -21.55 -0.33
N MET E 53 19.86 -22.48 0.39
CA MET E 53 21.17 -22.99 0.00
C MET E 53 21.09 -23.93 -1.20
N SER E 54 22.22 -24.03 -1.93
CA SER E 54 22.29 -24.76 -3.19
C SER E 54 23.59 -25.56 -3.24
N TRP E 55 23.63 -26.53 -4.16
CA TRP E 55 24.82 -27.32 -4.45
C TRP E 55 25.21 -27.17 -5.91
N ILE E 56 26.52 -27.20 -6.18
CA ILE E 56 27.04 -27.25 -7.55
C ILE E 56 28.17 -28.27 -7.63
N ARG E 57 28.09 -29.18 -8.60
CA ARG E 57 29.23 -30.03 -8.93
C ARG E 57 29.98 -29.44 -10.12
N GLN E 58 31.27 -29.75 -10.18
CA GLN E 58 32.16 -29.26 -11.23
C GLN E 58 33.12 -30.40 -11.58
N ALA E 59 32.96 -30.96 -12.77
CA ALA E 59 33.89 -31.98 -13.23
C ALA E 59 35.24 -31.34 -13.55
N PRO E 60 36.32 -32.11 -13.46
CA PRO E 60 37.63 -31.60 -13.91
C PRO E 60 37.59 -31.22 -15.39
N GLY E 61 38.34 -30.18 -15.72
CA GLY E 61 38.17 -29.46 -16.97
C GLY E 61 37.48 -28.12 -16.80
N LYS E 62 37.18 -27.74 -15.55
CA LYS E 62 36.67 -26.41 -15.19
C LYS E 62 35.34 -26.09 -15.87
N GLY E 63 34.34 -26.92 -15.55
CA GLY E 63 32.99 -26.67 -16.01
C GLY E 63 31.98 -26.69 -14.87
N LEU E 64 31.29 -25.57 -14.65
CA LEU E 64 30.28 -25.47 -13.62
C LEU E 64 28.91 -25.75 -14.22
N GLU E 65 28.18 -26.68 -13.62
CA GLU E 65 26.78 -26.92 -13.96
C GLU E 65 25.96 -26.94 -12.68
N TRP E 66 24.81 -26.29 -12.73
CA TRP E 66 23.94 -26.18 -11.57
C TRP E 66 23.27 -27.51 -11.27
N LEU E 67 23.28 -27.92 -9.99
CA LEU E 67 22.62 -29.16 -9.59
C LEU E 67 21.21 -28.90 -9.06
N SER E 68 21.10 -28.19 -7.93
CA SER E 68 19.83 -28.02 -7.23
C SER E 68 19.99 -26.99 -6.12
N TYR E 69 18.83 -26.48 -5.67
CA TYR E 69 18.72 -25.74 -4.41
C TYR E 69 17.67 -26.38 -3.52
N ILE E 70 17.34 -25.70 -2.42
CA ILE E 70 16.28 -26.14 -1.52
C ILE E 70 15.68 -24.92 -0.84
N SER E 71 14.39 -25.01 -0.51
CA SER E 71 13.66 -23.96 0.20
C SER E 71 14.25 -23.78 1.60
N PRO E 72 14.08 -22.59 2.21
CA PRO E 72 14.65 -22.35 3.54
C PRO E 72 14.14 -23.28 4.64
N SER E 73 12.90 -23.73 4.56
CA SER E 73 12.42 -24.72 5.51
C SER E 73 11.50 -25.74 4.83
N GLY E 74 11.70 -25.99 3.54
CA GLY E 74 10.76 -26.80 2.80
C GLY E 74 11.35 -27.75 1.78
N SER E 75 10.63 -27.93 0.69
CA SER E 75 10.89 -28.98 -0.30
C SER E 75 12.09 -28.63 -1.16
N PRO E 76 12.80 -29.64 -1.66
CA PRO E 76 13.84 -29.38 -2.67
C PRO E 76 13.23 -29.13 -4.03
N THR E 77 14.05 -28.58 -4.92
CA THR E 77 13.67 -28.30 -6.29
C THR E 77 14.57 -29.11 -7.23
N SER E 78 13.97 -29.71 -8.25
CA SER E 78 14.63 -30.71 -9.08
C SER E 78 15.76 -30.11 -9.91
N ASN E 79 16.49 -31.00 -10.58
CA ASN E 79 17.66 -30.65 -11.36
C ASN E 79 17.26 -30.01 -12.68
N ALA E 80 18.24 -29.77 -13.54
CA ALA E 80 18.00 -29.27 -14.88
C ALA E 80 17.56 -30.43 -15.78
N ASP E 81 17.27 -30.12 -17.04
CA ASP E 81 16.79 -31.10 -18.00
C ASP E 81 17.91 -31.85 -18.71
N SER E 82 19.17 -31.62 -18.32
CA SER E 82 20.26 -32.43 -18.84
C SER E 82 20.16 -33.86 -18.34
N MET E 83 19.97 -34.03 -17.04
CA MET E 83 19.81 -35.33 -16.41
C MET E 83 19.11 -35.13 -15.07
N LYS E 84 18.26 -36.09 -14.70
CA LYS E 84 17.42 -35.97 -13.52
C LYS E 84 17.37 -37.29 -12.76
N GLY E 85 16.78 -37.22 -11.57
CA GLY E 85 16.50 -38.41 -10.78
C GLY E 85 17.66 -38.96 -9.97
N ARG E 86 18.82 -38.31 -10.00
CA ARG E 86 20.00 -38.84 -9.35
C ARG E 86 20.43 -38.08 -8.11
N PHE E 87 20.06 -36.81 -7.97
CA PHE E 87 20.54 -35.96 -6.89
C PHE E 87 19.41 -35.60 -5.94
N THR E 88 19.68 -35.71 -4.65
CA THR E 88 18.76 -35.29 -3.60
C THR E 88 19.46 -34.33 -2.66
N ILE E 89 18.75 -33.29 -2.23
CA ILE E 89 19.25 -32.31 -1.26
C ILE E 89 18.38 -32.39 -0.02
N SER E 90 19.02 -32.58 1.13
CA SER E 90 18.36 -32.63 2.42
C SER E 90 18.88 -31.51 3.33
N ARG E 91 18.06 -31.16 4.32
CA ARG E 91 18.41 -30.12 5.27
C ARG E 91 18.30 -30.65 6.69
N ASP E 92 19.18 -30.15 7.56
CA ASP E 92 19.09 -30.36 9.00
C ASP E 92 19.24 -28.98 9.64
N ASN E 93 18.11 -28.26 9.76
CA ASN E 93 18.15 -26.89 10.26
C ASN E 93 18.49 -26.82 11.75
N ALA E 94 18.35 -27.93 12.48
CA ALA E 94 18.86 -27.98 13.85
C ALA E 94 20.38 -27.88 13.86
N ARG E 95 21.03 -28.55 12.91
CA ARG E 95 22.46 -28.40 12.69
C ARG E 95 22.79 -27.26 11.73
N SER E 96 21.77 -26.66 11.11
CA SER E 96 21.91 -25.66 10.04
C SER E 96 22.79 -26.18 8.92
N SER E 97 22.59 -27.44 8.56
CA SER E 97 23.47 -28.16 7.63
C SER E 97 22.72 -28.57 6.38
N LEU E 98 23.46 -28.64 5.28
CA LEU E 98 22.97 -29.05 3.98
C LEU E 98 23.60 -30.37 3.58
N TYR E 99 22.86 -31.19 2.82
CA TYR E 99 23.37 -32.49 2.41
C TYR E 99 22.96 -32.78 0.98
N LEU E 100 23.84 -33.44 0.23
CA LEU E 100 23.53 -33.99 -1.07
C LEU E 100 23.80 -35.48 -1.06
N GLN E 101 22.89 -36.24 -1.67
CA GLN E 101 23.06 -37.67 -1.89
C GLN E 101 22.85 -37.99 -3.36
N VAL E 102 23.75 -38.82 -3.91
CA VAL E 102 23.66 -39.26 -5.30
C VAL E 102 23.00 -40.64 -5.32
N HIS E 103 22.20 -40.88 -6.37
CA HIS E 103 21.52 -42.17 -6.50
C HIS E 103 22.50 -43.28 -6.85
N SER E 104 23.36 -43.05 -7.84
CA SER E 104 24.39 -43.99 -8.22
C SER E 104 25.66 -43.22 -8.54
N LEU E 105 26.81 -43.85 -8.29
CA LEU E 105 28.10 -43.20 -8.48
C LEU E 105 28.71 -43.69 -9.78
N ARG E 106 28.30 -43.05 -10.87
CA ARG E 106 28.91 -43.30 -12.17
C ARG E 106 30.32 -42.71 -12.19
N VAL E 107 31.14 -43.22 -13.11
CA VAL E 107 32.53 -42.78 -13.17
C VAL E 107 32.66 -41.35 -13.68
N GLU E 108 31.61 -40.80 -14.27
CA GLU E 108 31.60 -39.41 -14.70
C GLU E 108 31.24 -38.47 -13.56
N ASP E 109 30.81 -39.01 -12.42
CA ASP E 109 30.44 -38.20 -11.26
C ASP E 109 31.64 -37.80 -10.42
N THR E 110 32.86 -38.14 -10.84
CA THR E 110 34.05 -37.58 -10.20
C THR E 110 34.13 -36.08 -10.47
N ALA E 111 34.10 -35.30 -9.39
CA ALA E 111 33.88 -33.86 -9.50
C ALA E 111 34.17 -33.23 -8.15
N VAL E 112 34.27 -31.90 -8.15
CA VAL E 112 34.42 -31.12 -6.92
C VAL E 112 33.09 -30.41 -6.65
N TYR E 113 32.66 -30.42 -5.40
CA TYR E 113 31.35 -29.95 -5.01
C TYR E 113 31.45 -28.69 -4.17
N TYR E 114 30.52 -27.77 -4.40
CA TYR E 114 30.42 -26.52 -3.67
C TYR E 114 29.03 -26.41 -3.05
N CYS E 115 28.98 -25.99 -1.79
CA CYS E 115 27.73 -25.57 -1.17
C CYS E 115 27.70 -24.05 -1.12
N ALA E 116 26.57 -23.47 -1.50
CA ALA E 116 26.44 -22.03 -1.59
C ALA E 116 25.22 -21.58 -0.80
N ARG E 117 25.36 -20.46 -0.11
CA ARG E 117 24.29 -19.92 0.74
C ARG E 117 23.63 -18.77 -0.01
N ASP E 118 22.34 -18.92 -0.28
CA ASP E 118 21.49 -17.81 -0.67
C ASP E 118 20.59 -17.48 0.51
N ASN E 119 20.47 -16.19 0.81
CA ASN E 119 19.57 -15.74 1.86
C ASN E 119 18.36 -15.11 1.18
N THR E 120 17.17 -15.55 1.57
CA THR E 120 15.96 -15.18 0.88
C THR E 120 15.38 -13.87 1.42
N VAL E 121 14.62 -13.18 0.56
CA VAL E 121 13.87 -11.99 0.92
C VAL E 121 12.42 -12.25 0.55
N PHE E 122 11.55 -12.27 1.57
CA PHE E 122 10.11 -12.54 1.44
C PHE E 122 9.80 -13.88 0.79
N GLY E 123 10.72 -14.84 0.87
CA GLY E 123 10.50 -16.16 0.30
C GLY E 123 10.97 -16.35 -1.13
N VAL E 124 11.36 -15.29 -1.82
CA VAL E 124 11.93 -15.41 -3.14
C VAL E 124 13.45 -15.30 -3.02
N VAL E 125 14.15 -15.58 -4.11
CA VAL E 125 15.61 -15.56 -4.12
C VAL E 125 16.16 -14.19 -4.52
N THR E 126 17.00 -13.65 -3.64
CA THR E 126 17.89 -12.54 -3.95
C THR E 126 19.29 -12.92 -3.50
N THR E 127 20.29 -12.31 -4.16
CA THR E 127 21.72 -12.59 -4.02
C THR E 127 22.02 -14.07 -4.23
N PRO E 128 21.97 -14.57 -5.47
CA PRO E 128 22.26 -15.98 -5.70
C PRO E 128 23.76 -16.26 -5.60
N MET E 129 24.13 -17.13 -4.65
CA MET E 129 25.48 -17.67 -4.52
C MET E 129 26.52 -16.58 -4.26
N ASP E 130 26.23 -15.76 -3.24
CA ASP E 130 27.19 -14.75 -2.80
C ASP E 130 28.24 -15.30 -1.86
N HIS E 131 28.07 -16.52 -1.37
CA HIS E 131 29.04 -17.14 -0.47
C HIS E 131 29.18 -18.60 -0.83
N TRP E 132 30.37 -18.99 -1.27
CA TRP E 132 30.66 -20.36 -1.65
C TRP E 132 31.64 -20.96 -0.65
N GLY E 133 31.49 -22.27 -0.40
CA GLY E 133 32.38 -22.97 0.50
C GLY E 133 33.57 -23.59 -0.23
N GLN E 134 34.43 -24.21 0.56
CA GLN E 134 35.58 -24.91 -0.01
C GLN E 134 35.12 -26.18 -0.72
N GLY E 135 35.56 -26.34 -1.97
CA GLY E 135 35.11 -27.47 -2.76
C GLY E 135 35.62 -28.79 -2.23
N THR E 136 34.79 -29.83 -2.36
CA THR E 136 35.11 -31.17 -1.88
C THR E 136 35.21 -32.12 -3.08
N LEU E 137 36.34 -32.80 -3.22
CA LEU E 137 36.60 -33.62 -4.39
C LEU E 137 36.14 -35.06 -4.16
N VAL E 138 35.39 -35.60 -5.12
CA VAL E 138 34.91 -36.97 -5.08
C VAL E 138 35.46 -37.68 -6.31
N THR E 139 36.17 -38.78 -6.07
CA THR E 139 36.81 -39.56 -7.12
C THR E 139 36.13 -40.92 -7.22
N VAL E 140 35.73 -41.28 -8.44
CA VAL E 140 35.00 -42.51 -8.67
C VAL E 140 35.18 -43.01 -10.10
N GLN F 1 -14.04 34.48 12.53
CA GLN F 1 -12.79 33.81 12.18
C GLN F 1 -12.24 33.04 13.39
N VAL F 2 -11.63 31.89 13.13
CA VAL F 2 -11.09 31.05 14.18
C VAL F 2 -9.75 31.61 14.64
N GLN F 3 -9.59 31.75 15.96
CA GLN F 3 -8.36 32.22 16.56
C GLN F 3 -7.75 31.13 17.43
N LEU F 4 -6.43 31.17 17.54
CA LEU F 4 -5.65 30.17 18.26
C LEU F 4 -4.69 30.88 19.22
N VAL F 5 -4.69 30.47 20.49
CA VAL F 5 -3.87 31.09 21.51
C VAL F 5 -3.16 29.99 22.30
N GLN F 6 -1.83 30.05 22.34
CA GLN F 6 -1.04 29.04 22.99
C GLN F 6 -0.62 29.48 24.40
N SER F 7 0.20 28.66 25.03
CA SER F 7 0.71 28.92 26.37
C SER F 7 2.00 29.75 26.28
N GLY F 8 2.64 29.97 27.43
CA GLY F 8 3.83 30.79 27.47
C GLY F 8 5.10 30.01 27.12
N ALA F 9 6.20 30.74 27.06
CA ALA F 9 7.50 30.15 26.79
C ALA F 9 7.97 29.33 27.99
N GLU F 10 8.80 28.33 27.71
CA GLU F 10 9.23 27.43 28.77
C GLU F 10 10.71 27.08 28.65
N VAL F 11 11.39 27.12 29.79
CA VAL F 11 12.73 26.57 29.96
C VAL F 11 12.60 25.24 30.69
N LYS F 12 13.27 24.21 30.17
CA LYS F 12 13.16 22.86 30.71
C LYS F 12 14.53 22.29 30.98
N LYS F 13 14.73 21.76 32.17
CA LYS F 13 15.92 20.98 32.45
C LYS F 13 15.82 19.63 31.74
N PRO F 14 16.95 19.03 31.37
CA PRO F 14 16.92 17.68 30.78
C PRO F 14 16.37 16.65 31.76
N GLY F 15 15.61 15.70 31.24
CA GLY F 15 14.95 14.70 32.07
C GLY F 15 13.63 15.13 32.65
N SER F 16 12.95 16.11 32.06
CA SER F 16 11.69 16.63 32.54
C SER F 16 10.57 16.33 31.56
N SER F 17 9.38 16.86 31.85
CA SER F 17 8.21 16.69 31.01
C SER F 17 7.52 18.04 30.83
N VAL F 18 6.90 18.23 29.67
CA VAL F 18 6.28 19.50 29.33
C VAL F 18 4.80 19.25 29.03
N LYS F 19 3.98 20.25 29.34
CA LYS F 19 2.51 20.19 29.39
C LYS F 19 1.89 21.36 28.62
N VAL F 20 2.26 21.49 27.36
CA VAL F 20 1.88 22.64 26.54
C VAL F 20 0.39 22.63 26.26
N SER F 21 -0.28 23.76 26.54
CA SER F 21 -1.72 23.88 26.34
C SER F 21 -2.03 24.86 25.22
N CYS F 22 -3.09 24.56 24.46
CA CYS F 22 -3.54 25.39 23.34
C CYS F 22 -5.04 25.56 23.43
N LYS F 23 -5.53 26.77 23.17
CA LYS F 23 -6.95 27.06 23.14
C LYS F 23 -7.34 27.68 21.79
N ALA F 24 -8.61 27.51 21.44
CA ALA F 24 -9.13 27.97 20.16
C ALA F 24 -10.42 28.74 20.40
N SER F 25 -10.90 29.43 19.36
CA SER F 25 -12.15 30.17 19.44
C SER F 25 -12.74 30.44 18.07
N GLY F 26 -14.06 30.50 17.98
CA GLY F 26 -14.73 30.92 16.76
C GLY F 26 -14.93 29.85 15.70
N GLY F 27 -14.92 28.57 16.08
CA GLY F 27 -15.09 27.53 15.08
C GLY F 27 -15.63 26.26 15.70
N THR F 28 -15.91 25.29 14.82
CA THR F 28 -16.39 23.98 15.24
C THR F 28 -15.19 23.15 15.69
N PHE F 29 -15.14 22.83 16.98
CA PHE F 29 -13.94 22.23 17.54
C PHE F 29 -13.83 20.74 17.21
N THR F 30 -14.92 19.99 17.32
CA THR F 30 -14.84 18.54 17.21
C THR F 30 -14.68 18.04 15.78
N ASP F 31 -15.37 18.69 14.82
CA ASP F 31 -15.36 18.17 13.46
C ASP F 31 -14.02 18.38 12.77
N TYR F 32 -13.27 19.41 13.15
CA TYR F 32 -12.05 19.78 12.46
C TYR F 32 -10.83 19.26 13.19
N ALA F 33 -9.69 19.27 12.50
CA ALA F 33 -8.47 18.61 12.94
C ALA F 33 -7.48 19.62 13.49
N LEU F 34 -6.73 19.20 14.51
CA LEU F 34 -5.72 20.01 15.16
C LEU F 34 -4.39 19.28 15.09
N SER F 35 -3.29 20.04 14.98
CA SER F 35 -1.96 19.46 14.85
C SER F 35 -0.91 20.36 15.49
N TRP F 36 0.24 19.77 15.76
CA TRP F 36 1.37 20.39 16.44
C TRP F 36 2.61 20.28 15.58
N VAL F 37 3.16 21.43 15.17
CA VAL F 37 4.28 21.49 14.25
C VAL F 37 5.47 22.09 14.97
N ARG F 38 6.59 21.38 14.99
CA ARG F 38 7.80 21.79 15.69
C ARG F 38 8.91 22.06 14.69
N GLN F 39 9.64 23.17 14.89
CA GLN F 39 10.81 23.44 14.08
C GLN F 39 11.98 23.86 14.98
N ALA F 40 13.14 23.22 14.76
CA ALA F 40 14.37 23.66 15.38
C ALA F 40 14.84 24.94 14.70
N PRO F 41 15.68 25.74 15.38
CA PRO F 41 16.28 26.91 14.71
C PRO F 41 17.09 26.57 13.47
N GLY F 42 17.72 25.41 13.44
CA GLY F 42 18.48 24.98 12.27
C GLY F 42 17.75 23.99 11.40
N GLN F 43 16.43 23.90 11.54
CA GLN F 43 15.64 22.92 10.82
C GLN F 43 14.34 23.57 10.33
N GLY F 44 13.70 22.89 9.39
CA GLY F 44 12.40 23.32 8.88
C GLY F 44 11.26 22.80 9.73
N LEU F 45 10.05 22.93 9.19
CA LEU F 45 8.86 22.50 9.89
C LEU F 45 8.78 20.98 9.96
N GLU F 46 8.04 20.48 10.95
CA GLU F 46 7.89 19.05 11.14
C GLU F 46 6.56 18.78 11.83
N TRP F 47 5.66 18.06 11.15
CA TRP F 47 4.44 17.60 11.78
C TRP F 47 4.78 16.49 12.76
N MET F 48 4.39 16.65 14.03
CA MET F 48 4.67 15.64 15.03
C MET F 48 3.45 14.89 15.53
N GLY F 49 2.26 15.44 15.38
CA GLY F 49 1.08 14.81 15.92
C GLY F 49 -0.11 15.71 15.84
N GLY F 50 -1.26 15.16 16.22
CA GLY F 50 -2.50 15.90 16.20
C GLY F 50 -3.64 15.03 16.66
N ILE F 51 -4.82 15.64 16.66
CA ILE F 51 -6.04 14.97 17.09
C ILE F 51 -7.23 15.65 16.43
N ILE F 52 -8.24 14.87 16.10
CA ILE F 52 -9.58 15.37 15.80
C ILE F 52 -10.46 15.05 17.01
N PRO F 53 -11.01 16.07 17.69
CA PRO F 53 -11.66 15.83 18.99
C PRO F 53 -12.90 14.95 18.88
N VAL F 54 -13.03 14.05 19.85
CA VAL F 54 -14.09 13.04 19.97
C VAL F 54 -14.04 12.23 18.68
N LEU F 55 -12.90 11.60 18.43
CA LEU F 55 -12.79 10.50 17.49
C LEU F 55 -12.20 9.25 18.13
N GLY F 56 -11.51 9.39 19.26
CA GLY F 56 -10.99 8.27 20.01
C GLY F 56 -9.55 7.93 19.74
N THR F 57 -8.95 8.49 18.68
CA THR F 57 -7.59 8.15 18.29
C THR F 57 -6.84 9.41 17.87
N PRO F 58 -6.02 9.97 18.75
CA PRO F 58 -5.03 10.95 18.30
C PRO F 58 -3.97 10.28 17.45
N HIS F 59 -3.39 11.06 16.54
CA HIS F 59 -2.41 10.54 15.59
C HIS F 59 -1.02 11.04 15.99
N TYR F 60 -0.06 10.11 16.00
CA TYR F 60 1.32 10.40 16.36
C TYR F 60 2.24 10.07 15.20
N ALA F 61 3.34 10.80 15.11
CA ALA F 61 4.40 10.43 14.18
C ALA F 61 5.26 9.33 14.78
N GLN F 62 6.05 8.67 13.92
CA GLN F 62 6.87 7.56 14.37
C GLN F 62 8.09 8.02 15.17
N LYS F 63 8.47 9.29 15.06
CA LYS F 63 9.56 9.85 15.85
C LYS F 63 9.10 10.36 17.19
N PHE F 64 7.80 10.28 17.49
CA PHE F 64 7.25 10.87 18.70
C PHE F 64 6.26 9.94 19.39
N GLU F 65 6.23 8.66 19.07
CA GLU F 65 5.19 7.78 19.58
C GLU F 65 5.38 7.48 21.07
N ASP F 66 6.63 7.31 21.50
CA ASP F 66 6.93 6.89 22.86
C ASP F 66 7.06 8.04 23.83
N ARG F 67 6.95 9.28 23.38
CA ARG F 67 7.18 10.43 24.26
C ARG F 67 6.01 11.40 24.27
N VAL F 68 5.33 11.56 23.14
CA VAL F 68 4.28 12.57 23.00
C VAL F 68 2.93 11.92 23.31
N THR F 69 2.17 12.53 24.23
CA THR F 69 0.79 12.15 24.46
C THR F 69 -0.09 13.38 24.35
N ILE F 70 -1.26 13.20 23.71
CA ILE F 70 -2.17 14.28 23.37
C ILE F 70 -3.47 14.05 24.13
N ILE F 71 -3.95 15.09 24.82
CA ILE F 71 -5.21 15.02 25.54
C ILE F 71 -6.10 16.15 25.04
N ALA F 72 -7.37 15.85 24.79
CA ALA F 72 -8.30 16.86 24.32
C ALA F 72 -9.45 17.05 25.31
N ASP F 73 -9.12 17.14 26.59
CA ASP F 73 -10.11 17.24 27.65
C ASP F 73 -10.70 18.66 27.71
N GLU F 74 -11.56 18.87 28.71
CA GLU F 74 -12.28 20.10 29.05
C GLU F 74 -13.31 20.47 27.97
N SER F 75 -14.39 21.15 28.38
CA SER F 75 -15.46 21.48 27.45
C SER F 75 -15.06 22.57 26.46
N THR F 76 -14.10 23.42 26.83
CA THR F 76 -13.65 24.47 25.94
C THR F 76 -12.75 23.88 24.85
N GLY F 77 -12.36 24.73 23.91
CA GLY F 77 -11.56 24.29 22.78
C GLY F 77 -10.07 24.21 23.08
N THR F 78 -9.71 23.45 24.11
CA THR F 78 -8.32 23.34 24.56
C THR F 78 -7.78 21.95 24.26
N VAL F 79 -6.46 21.85 24.26
CA VAL F 79 -5.75 20.61 23.97
C VAL F 79 -4.39 20.68 24.69
N PHE F 80 -3.92 19.52 25.16
CA PHE F 80 -2.80 19.44 26.09
C PHE F 80 -1.76 18.45 25.59
N MET F 81 -0.49 18.85 25.75
CA MET F 81 0.69 18.14 25.25
C MET F 81 1.51 17.70 26.45
N ALA F 82 1.69 16.40 26.62
CA ALA F 82 2.60 15.88 27.63
C ALA F 82 3.73 15.16 26.91
N LEU F 83 4.93 15.75 26.95
CA LEU F 83 6.10 15.16 26.34
C LEU F 83 7.10 14.82 27.44
N SER F 84 7.63 13.61 27.40
CA SER F 84 8.57 13.12 28.40
C SER F 84 9.92 12.82 27.73
N SER F 85 10.95 12.67 28.57
CA SER F 85 12.34 12.46 28.17
C SER F 85 12.81 13.57 27.23
N LEU F 86 12.89 14.77 27.79
CA LEU F 86 13.37 15.93 27.06
C LEU F 86 14.86 15.85 26.79
N ARG F 87 15.26 16.17 25.56
CA ARG F 87 16.65 16.18 25.13
C ARG F 87 16.99 17.56 24.56
N SER F 88 18.24 17.69 24.11
CA SER F 88 18.69 18.96 23.56
C SER F 88 18.10 19.22 22.19
N ASP F 89 17.80 18.16 21.43
CA ASP F 89 17.17 18.32 20.13
C ASP F 89 15.70 18.72 20.21
N ASP F 90 15.10 18.66 21.39
CA ASP F 90 13.71 19.06 21.59
C ASP F 90 13.56 20.56 21.81
N THR F 91 14.65 21.31 21.84
CA THR F 91 14.57 22.77 21.90
C THR F 91 14.12 23.32 20.56
N GLY F 92 13.10 24.16 20.57
CA GLY F 92 12.69 24.79 19.33
C GLY F 92 11.36 25.53 19.48
N MET F 93 10.79 25.80 18.32
CA MET F 93 9.61 26.64 18.14
C MET F 93 8.43 25.70 17.86
N TYR F 94 7.42 25.73 18.71
CA TYR F 94 6.26 24.86 18.60
C TYR F 94 5.06 25.68 18.19
N TYR F 95 4.25 25.13 17.28
CA TYR F 95 3.09 25.82 16.75
C TYR F 95 1.86 24.91 16.86
N CYS F 96 0.84 25.42 17.54
CA CYS F 96 -0.50 24.88 17.41
C CYS F 96 -1.06 25.27 16.05
N ALA F 97 -1.70 24.33 15.36
CA ALA F 97 -2.24 24.59 14.04
C ALA F 97 -3.58 23.87 13.90
N ARG F 98 -4.44 24.42 13.05
CA ARG F 98 -5.79 23.89 12.93
C ARG F 98 -6.34 24.27 11.56
N GLY F 99 -7.21 23.42 11.02
CA GLY F 99 -7.79 23.60 9.71
C GLY F 99 -9.24 24.04 9.81
N VAL F 100 -9.67 24.87 8.86
CA VAL F 100 -11.03 25.41 8.87
C VAL F 100 -11.80 25.10 7.59
N THR F 101 -11.16 24.55 6.55
CA THR F 101 -11.86 24.32 5.30
C THR F 101 -12.47 22.92 5.23
N HIS F 102 -11.63 21.88 5.34
CA HIS F 102 -12.08 20.51 5.24
C HIS F 102 -12.01 19.84 6.60
N PRO F 103 -13.15 19.42 7.17
CA PRO F 103 -13.10 18.69 8.44
C PRO F 103 -12.55 17.28 8.29
N TYR F 104 -12.01 16.77 9.39
CA TYR F 104 -11.68 15.38 9.67
C TYR F 104 -10.50 14.81 8.88
N TYR F 105 -9.89 15.53 7.95
CA TYR F 105 -8.99 14.88 6.98
C TYR F 105 -7.56 15.39 6.87
N TYR F 106 -7.13 16.34 7.71
CA TYR F 106 -5.73 16.84 7.74
C TYR F 106 -5.27 17.38 6.39
N TYR F 107 -6.15 18.09 5.69
CA TYR F 107 -5.85 18.45 4.31
C TYR F 107 -4.99 19.70 4.20
N ALA F 108 -5.33 20.74 4.97
CA ALA F 108 -4.58 21.99 4.94
C ALA F 108 -4.43 22.50 6.36
N MET F 109 -3.50 23.43 6.55
CA MET F 109 -3.12 23.85 7.88
C MET F 109 -3.47 25.33 8.01
N ASP F 110 -4.73 25.60 8.35
CA ASP F 110 -5.30 26.92 8.07
C ASP F 110 -4.88 27.98 9.07
N VAL F 111 -5.23 27.82 10.33
CA VAL F 111 -4.93 28.83 11.33
C VAL F 111 -3.74 28.33 12.16
N TRP F 112 -2.89 29.26 12.56
CA TRP F 112 -1.67 28.97 13.29
C TRP F 112 -1.65 29.79 14.56
N GLY F 113 -1.18 29.19 15.65
CA GLY F 113 -0.94 29.94 16.85
C GLY F 113 0.31 30.79 16.74
N GLN F 114 0.48 31.70 17.71
CA GLN F 114 1.68 32.53 17.72
C GLN F 114 2.92 31.73 18.07
N GLY F 115 2.75 30.57 18.69
CA GLY F 115 3.85 29.65 18.96
C GLY F 115 4.42 29.81 20.35
N THR F 116 5.04 28.75 20.83
CA THR F 116 5.79 28.77 22.09
C THR F 116 7.21 28.30 21.84
N THR F 117 8.10 28.67 22.75
CA THR F 117 9.50 28.27 22.68
C THR F 117 9.77 27.30 23.82
N ILE F 118 10.26 26.11 23.50
CA ILE F 118 10.64 25.15 24.52
C ILE F 118 12.16 25.00 24.44
N THR F 119 12.86 25.45 25.47
CA THR F 119 14.32 25.50 25.44
C THR F 119 14.89 24.56 26.50
N VAL F 120 15.68 23.59 26.05
CA VAL F 120 16.31 22.61 26.92
C VAL F 120 17.82 22.74 26.76
N SER F 121 18.53 22.95 27.86
CA SER F 121 19.98 23.04 27.86
C SER F 121 20.55 22.69 29.23
N GLN G 1 8.57 10.62 1.12
CA GLN G 1 9.88 10.95 1.67
C GLN G 1 9.76 11.51 3.08
N SER G 2 10.90 11.68 3.76
CA SER G 2 10.90 12.31 5.08
C SER G 2 10.57 13.79 4.98
N ALA G 3 10.87 14.41 3.85
CA ALA G 3 10.47 15.77 3.56
C ALA G 3 10.39 15.94 2.05
N LEU G 4 9.60 16.92 1.62
CA LEU G 4 9.53 17.25 0.20
C LEU G 4 10.83 17.90 -0.24
N THR G 5 11.40 17.40 -1.34
CA THR G 5 12.66 17.93 -1.84
C THR G 5 12.45 19.32 -2.40
N GLN G 6 13.09 20.31 -1.77
CA GLN G 6 12.85 21.71 -2.05
C GLN G 6 14.18 22.44 -2.08
N PRO G 7 14.30 23.49 -2.90
CA PRO G 7 15.56 24.25 -2.98
C PRO G 7 15.90 24.94 -1.66
N ALA G 8 17.15 25.39 -1.57
CA ALA G 8 17.60 26.08 -0.38
C ALA G 8 17.19 27.56 -0.40
N SER G 9 17.48 28.26 -1.49
CA SER G 9 17.15 29.67 -1.58
C SER G 9 17.04 30.06 -3.04
N VAL G 10 16.08 30.95 -3.35
CA VAL G 10 15.93 31.52 -4.68
C VAL G 10 15.82 33.04 -4.51
N SER G 11 16.61 33.78 -5.28
CA SER G 11 16.88 35.20 -5.02
C SER G 11 16.55 36.05 -6.25
N GLY G 12 15.34 35.91 -6.78
CA GLY G 12 14.95 36.67 -7.95
C GLY G 12 14.84 38.16 -7.67
N SER G 13 15.00 38.94 -8.75
CA SER G 13 15.06 40.39 -8.68
C SER G 13 13.68 41.01 -8.56
N PRO G 14 13.58 42.22 -8.00
CA PRO G 14 12.29 42.93 -7.98
C PRO G 14 11.80 43.27 -9.39
N GLY G 15 10.48 43.29 -9.52
CA GLY G 15 9.85 43.58 -10.80
C GLY G 15 9.70 42.40 -11.73
N GLN G 16 10.15 41.21 -11.32
CA GLN G 16 10.09 40.02 -12.14
C GLN G 16 9.25 38.95 -11.44
N SER G 17 8.96 37.90 -12.19
CA SER G 17 8.22 36.75 -11.67
C SER G 17 9.19 35.60 -11.41
N ILE G 18 8.99 34.91 -10.29
CA ILE G 18 9.89 33.83 -9.89
C ILE G 18 9.05 32.57 -9.66
N SER G 19 9.70 31.41 -9.79
CA SER G 19 9.04 30.12 -9.67
C SER G 19 9.78 29.28 -8.65
N ILE G 20 9.06 28.79 -7.65
CA ILE G 20 9.59 27.89 -6.63
C ILE G 20 9.07 26.49 -6.91
N SER G 21 9.98 25.52 -6.99
CA SER G 21 9.66 24.13 -7.31
C SER G 21 9.59 23.27 -6.05
N CYS G 22 8.93 22.13 -6.19
CA CYS G 22 8.80 21.17 -5.09
C CYS G 22 8.56 19.79 -5.69
N THR G 23 9.47 18.86 -5.44
CA THR G 23 9.36 17.50 -5.94
C THR G 23 9.13 16.56 -4.77
N GLY G 24 8.03 15.80 -4.83
CA GLY G 24 7.75 14.78 -3.85
C GLY G 24 7.51 13.44 -4.52
N THR G 25 7.12 12.47 -3.72
CA THR G 25 6.87 11.13 -4.22
C THR G 25 5.43 11.00 -4.71
N SER G 26 5.16 9.88 -5.39
CA SER G 26 3.83 9.60 -5.90
C SER G 26 2.86 9.09 -4.83
N SER G 27 3.28 9.03 -3.57
CA SER G 27 2.39 8.77 -2.44
C SER G 27 2.13 10.02 -1.60
N ASP G 28 2.77 11.14 -1.94
CA ASP G 28 2.61 12.39 -1.19
C ASP G 28 1.96 13.47 -2.04
N VAL G 29 2.55 13.77 -3.20
CA VAL G 29 2.10 14.83 -4.09
C VAL G 29 1.84 14.21 -5.45
N GLY G 30 0.68 14.52 -6.03
CA GLY G 30 0.31 13.99 -7.33
C GLY G 30 -0.65 12.83 -7.26
N ALA G 31 -0.82 12.22 -6.10
CA ALA G 31 -1.85 11.20 -5.87
C ALA G 31 -3.01 11.71 -5.03
N TYR G 32 -2.73 12.39 -3.94
CA TYR G 32 -3.76 12.90 -3.05
C TYR G 32 -4.18 14.31 -3.38
N ASP G 33 -3.46 15.01 -4.24
CA ASP G 33 -3.52 16.48 -4.46
C ASP G 33 -3.25 17.13 -3.10
N TYR G 34 -3.97 18.21 -2.75
CA TYR G 34 -3.82 18.93 -1.48
C TYR G 34 -2.39 19.40 -1.24
N VAL G 35 -1.88 20.22 -2.17
CA VAL G 35 -0.52 20.74 -2.10
C VAL G 35 -0.59 22.14 -1.50
N SER G 36 -0.34 22.24 -0.19
CA SER G 36 -0.46 23.49 0.53
C SER G 36 0.89 24.19 0.63
N TRP G 37 0.85 25.52 0.77
CA TRP G 37 2.04 26.34 0.88
C TRP G 37 1.94 27.21 2.12
N TYR G 38 3.10 27.58 2.67
CA TYR G 38 3.16 28.32 3.92
C TYR G 38 4.25 29.38 3.84
N GLN G 39 4.00 30.50 4.50
CA GLN G 39 4.87 31.68 4.48
C GLN G 39 5.31 32.01 5.90
N GLN G 40 6.61 32.24 6.08
CA GLN G 40 7.11 32.64 7.38
C GLN G 40 8.07 33.81 7.25
N HIS G 41 7.69 34.94 7.82
CA HIS G 41 8.58 36.04 8.15
C HIS G 41 9.33 35.68 9.44
N PRO G 42 10.51 36.27 9.68
CA PRO G 42 11.39 35.76 10.75
C PRO G 42 10.80 35.81 12.16
N GLY G 43 9.87 36.73 12.43
CA GLY G 43 9.30 36.80 13.76
C GLY G 43 7.87 36.30 13.86
N LYS G 44 7.22 36.10 12.72
CA LYS G 44 5.80 35.83 12.70
C LYS G 44 5.52 34.33 12.64
N ALA G 45 4.25 33.98 12.89
CA ALA G 45 3.76 32.63 12.73
C ALA G 45 3.66 32.30 11.23
N PRO G 46 3.64 31.01 10.88
CA PRO G 46 3.42 30.66 9.47
C PRO G 46 2.01 31.04 9.00
N ARG G 47 1.91 31.32 7.71
CA ARG G 47 0.69 31.84 7.09
C ARG G 47 0.37 31.05 5.84
N LEU G 48 -0.86 30.58 5.74
CA LEU G 48 -1.30 29.76 4.60
C LEU G 48 -1.69 30.68 3.46
N ILE G 49 -0.91 30.67 2.40
CA ILE G 49 -1.15 31.51 1.24
C ILE G 49 -1.93 30.76 0.16
N ILE G 50 -1.67 29.46 0.00
CA ILE G 50 -2.33 28.64 -1.01
C ILE G 50 -2.65 27.28 -0.40
N TYR G 51 -3.90 26.85 -0.53
CA TYR G 51 -4.34 25.52 -0.11
C TYR G 51 -5.00 24.83 -1.29
N ASP G 52 -5.41 23.57 -1.07
CA ASP G 52 -5.70 22.58 -2.11
C ASP G 52 -4.52 22.51 -3.07
N VAL G 53 -4.67 23.02 -4.28
CA VAL G 53 -3.52 23.15 -5.17
C VAL G 53 -3.45 24.59 -5.64
N ASN G 54 -4.62 25.22 -5.80
CA ASN G 54 -4.68 26.52 -6.45
C ASN G 54 -5.63 27.44 -5.68
N LYS G 55 -6.31 26.94 -4.65
CA LYS G 55 -7.21 27.79 -3.89
C LYS G 55 -6.44 28.80 -3.07
N ARG G 56 -6.87 30.04 -3.13
CA ARG G 56 -6.18 31.18 -2.52
C ARG G 56 -7.15 31.92 -1.63
N PRO G 57 -6.94 31.94 -0.31
CA PRO G 57 -7.89 32.59 0.60
C PRO G 57 -7.98 34.10 0.37
N SER G 58 -9.08 34.69 0.83
CA SER G 58 -9.28 36.12 0.66
C SER G 58 -8.33 36.96 1.51
N GLY G 59 -7.74 36.38 2.54
CA GLY G 59 -6.83 37.10 3.42
C GLY G 59 -5.40 37.20 2.96
N VAL G 60 -5.05 36.61 1.82
CA VAL G 60 -3.68 36.63 1.31
C VAL G 60 -3.71 37.37 -0.02
N PRO G 61 -2.61 37.96 -0.47
CA PRO G 61 -2.65 38.76 -1.71
C PRO G 61 -2.95 37.94 -2.95
N TYR G 62 -3.25 38.68 -4.02
CA TYR G 62 -3.62 38.14 -5.33
C TYR G 62 -2.43 37.65 -6.14
N ARG G 63 -1.21 38.01 -5.75
CA ARG G 63 -0.04 37.81 -6.60
C ARG G 63 0.42 36.36 -6.65
N PHE G 64 0.18 35.58 -5.60
CA PHE G 64 0.62 34.20 -5.57
C PHE G 64 -0.20 33.34 -6.54
N SER G 65 0.43 32.29 -7.06
CA SER G 65 -0.21 31.40 -8.03
C SER G 65 0.47 30.04 -7.99
N GLY G 66 -0.25 29.02 -7.55
CA GLY G 66 0.31 27.69 -7.39
C GLY G 66 -0.26 26.69 -8.38
N SER G 67 0.54 25.67 -8.68
CA SER G 67 0.14 24.66 -9.66
C SER G 67 0.87 23.36 -9.38
N LYS G 68 0.34 22.28 -9.96
CA LYS G 68 0.92 20.95 -9.82
C LYS G 68 0.95 20.28 -11.18
N SER G 69 2.09 19.67 -11.52
CA SER G 69 2.21 18.85 -12.72
C SER G 69 3.00 17.60 -12.35
N GLY G 70 2.43 16.44 -12.61
CA GLY G 70 3.09 15.18 -12.26
C GLY G 70 3.22 15.04 -10.77
N THR G 71 4.45 14.80 -10.31
CA THR G 71 4.77 14.80 -8.89
C THR G 71 5.41 16.10 -8.44
N ALA G 72 5.46 17.11 -9.30
CA ALA G 72 6.10 18.38 -9.00
C ALA G 72 5.05 19.48 -8.82
N ALA G 73 5.44 20.50 -8.06
CA ALA G 73 4.58 21.65 -7.79
C ALA G 73 5.38 22.92 -7.96
N SER G 74 4.68 23.98 -8.36
CA SER G 74 5.31 25.27 -8.63
C SER G 74 4.50 26.38 -8.01
N LEU G 75 5.21 27.43 -7.59
CA LEU G 75 4.59 28.67 -7.11
C LEU G 75 5.23 29.83 -7.87
N THR G 76 4.42 30.52 -8.67
CA THR G 76 4.88 31.68 -9.42
C THR G 76 4.46 32.94 -8.69
N ILE G 77 5.44 33.67 -8.17
CA ILE G 77 5.22 34.95 -7.53
C ILE G 77 5.57 36.04 -8.53
N SER G 78 4.58 36.82 -8.94
CA SER G 78 4.73 37.82 -9.98
C SER G 78 4.72 39.22 -9.37
N GLY G 79 5.65 40.05 -9.81
CA GLY G 79 5.80 41.38 -9.26
C GLY G 79 6.35 41.35 -7.85
N LEU G 80 7.61 40.95 -7.72
CA LEU G 80 8.23 40.82 -6.41
C LEU G 80 8.39 42.18 -5.73
N GLN G 81 8.00 42.23 -4.46
CA GLN G 81 8.15 43.40 -3.61
C GLN G 81 8.93 43.02 -2.36
N SER G 82 9.19 44.01 -1.51
CA SER G 82 10.03 43.79 -0.34
C SER G 82 9.34 42.98 0.74
N GLU G 83 8.01 42.85 0.69
CA GLU G 83 7.29 42.08 1.68
C GLU G 83 7.43 40.57 1.47
N ASP G 84 7.88 40.14 0.30
CA ASP G 84 7.95 38.72 -0.04
C ASP G 84 9.18 38.03 0.52
N GLU G 85 10.10 38.76 1.15
CA GLU G 85 11.35 38.20 1.63
C GLU G 85 11.11 37.29 2.81
N ALA G 86 10.97 35.99 2.57
CA ALA G 86 10.46 35.09 3.61
C ALA G 86 10.84 33.65 3.29
N VAL G 87 10.55 32.77 4.24
CA VAL G 87 10.78 31.34 4.08
C VAL G 87 9.46 30.71 3.65
N TYR G 88 9.48 30.01 2.52
CA TYR G 88 8.28 29.41 1.95
C TYR G 88 8.40 27.90 2.05
N TYR G 89 7.41 27.27 2.69
CA TYR G 89 7.37 25.83 2.85
C TYR G 89 6.24 25.22 2.03
N CYS G 90 6.43 23.95 1.68
CA CYS G 90 5.39 23.14 1.05
C CYS G 90 4.89 22.12 2.05
N GLY G 91 3.69 21.60 1.80
CA GLY G 91 3.11 20.59 2.66
C GLY G 91 2.08 19.79 1.91
N SER G 92 1.89 18.55 2.36
CA SER G 92 0.95 17.66 1.69
C SER G 92 0.45 16.58 2.63
N TYR G 93 -0.73 16.06 2.30
CA TYR G 93 -1.27 14.87 2.95
C TYR G 93 -0.58 13.64 2.37
N THR G 94 -0.32 12.65 3.21
CA THR G 94 0.44 11.49 2.78
C THR G 94 -0.22 10.20 3.20
N SER G 95 0.12 9.13 2.48
CA SER G 95 -0.23 7.77 2.84
C SER G 95 0.92 7.07 3.55
N SER G 96 1.91 7.82 4.01
CA SER G 96 3.05 7.24 4.70
C SER G 96 2.64 6.68 6.05
N SER G 97 3.22 5.54 6.41
CA SER G 97 2.91 4.94 7.70
C SER G 97 3.59 5.68 8.85
N ALA G 98 4.60 6.48 8.57
CA ALA G 98 5.34 7.16 9.62
C ALA G 98 4.56 8.34 10.20
N PHE G 99 3.93 9.16 9.34
CA PHE G 99 3.25 10.36 9.79
C PHE G 99 2.12 10.69 8.80
N PHE G 100 1.46 11.82 9.04
CA PHE G 100 0.29 12.21 8.27
C PHE G 100 0.48 13.44 7.41
N TYR G 101 1.37 14.36 7.77
CA TYR G 101 1.61 15.55 6.98
C TYR G 101 3.09 15.67 6.65
N VAL G 102 3.40 15.94 5.38
CA VAL G 102 4.77 16.12 4.90
C VAL G 102 5.01 17.61 4.75
N PHE G 103 6.13 18.10 5.30
CA PHE G 103 6.52 19.49 5.20
C PHE G 103 7.80 19.62 4.38
N GLY G 104 7.82 20.59 3.48
CA GLY G 104 9.00 20.85 2.67
C GLY G 104 10.13 21.48 3.49
N THR G 105 11.31 21.52 2.87
CA THR G 105 12.50 22.00 3.57
C THR G 105 12.57 23.52 3.64
N GLY G 106 11.77 24.23 2.85
CA GLY G 106 11.71 25.67 2.95
C GLY G 106 12.72 26.40 2.08
N THR G 107 12.24 27.33 1.27
CA THR G 107 13.10 28.17 0.44
C THR G 107 13.14 29.56 1.02
N MET G 108 14.35 30.10 1.20
CA MET G 108 14.55 31.48 1.63
C MET G 108 14.53 32.38 0.41
N VAL G 109 13.37 32.96 0.12
CA VAL G 109 13.30 33.92 -0.98
C VAL G 109 13.68 35.29 -0.45
N THR G 110 14.85 35.77 -0.87
CA THR G 110 15.39 37.07 -0.51
C THR G 110 15.26 37.99 -1.71
N VAL G 111 14.65 39.16 -1.51
CA VAL G 111 14.37 40.07 -2.60
C VAL G 111 15.54 41.02 -2.80
#